data_4O8J
#
_entry.id   4O8J
#
_cell.length_a   83.921
_cell.length_b   110.261
_cell.length_c   127.648
_cell.angle_alpha   90.00
_cell.angle_beta   90.00
_cell.angle_gamma   90.00
#
_symmetry.space_group_name_H-M   'P 21 21 21'
#
loop_
_entity.id
_entity.type
_entity.pdbx_description
1 polymer "RNA 3'-terminal phosphate cyclase"
2 polymer RNA
3 non-polymer ADENOSINE
4 non-polymer '4-(2-HYDROXYETHYL)-1-PIPERAZINE ETHANESULFONIC ACID'
5 water water
#
loop_
_entity_poly.entity_id
_entity_poly.type
_entity_poly.pdbx_seq_one_letter_code
_entity_poly.pdbx_strand_id
1 'polypeptide(L)'
;MITIDGSYGEGGGQILRTSVALSTITGEPVRIVNIRANRPNPGLRPQHLHAILALKHLANAEVKGAHVGSRELVFIPKKL
EAKEISIDIGTAGSITLVLQALLPAMVFAREKVKFRITGGTDVSWSPPVDYLSNVTLFALEKIGIHGEIRVIRRGHYPKG
GGIVEGYVEPWNEKRELVAKEYSRIIKIEGISHATNLPSHVAERQARAAKDELLQLKVPIEIRTEISRSIGPGSGIVVWA
ETDCLRLGGDALGKKGKPAEIVGKEAAQELLDQLKPGHCVDKFLGDQLIPFLAFSGGVIWVSEITNHLKTNIWVVESFLG
RIFDVDGNVGEPGKIRVIRRV
;
A,B
2 'polyribonucleotide' ACAAAA D,E
#
loop_
_chem_comp.id
_chem_comp.type
_chem_comp.name
_chem_comp.formula
A RNA linking ADENOSINE-5'-MONOPHOSPHATE 'C10 H14 N5 O7 P'
ADN non-polymer ADENOSINE 'C10 H13 N5 O4'
C RNA linking CYTIDINE-5'-MONOPHOSPHATE 'C9 H14 N3 O8 P'
EPE non-polymer '4-(2-HYDROXYETHYL)-1-PIPERAZINE ETHANESULFONIC ACID' 'C8 H18 N2 O4 S'
#
# COMPACT_ATOMS: atom_id res chain seq x y z
N MET A 1 17.73 -5.95 -1.36
CA MET A 1 17.14 -4.97 -0.41
C MET A 1 15.93 -4.35 -1.06
N ILE A 2 15.12 -3.62 -0.31
CA ILE A 2 13.97 -2.99 -0.97
C ILE A 2 14.28 -1.58 -1.44
N THR A 3 13.70 -1.22 -2.58
CA THR A 3 13.86 0.10 -3.16
C THR A 3 12.54 0.88 -3.02
N ILE A 4 12.61 2.07 -2.43
CA ILE A 4 11.44 2.91 -2.22
C ILE A 4 11.50 4.04 -3.23
N ASP A 5 10.42 4.23 -3.98
CA ASP A 5 10.35 5.34 -4.94
C ASP A 5 9.91 6.64 -4.24
N GLY A 6 10.85 7.56 -4.08
CA GLY A 6 10.60 8.82 -3.39
C GLY A 6 9.74 9.81 -4.15
N SER A 7 9.36 9.47 -5.39
CA SER A 7 8.41 10.32 -6.12
C SER A 7 6.96 9.89 -5.91
N TYR A 8 6.75 8.82 -5.18
CA TYR A 8 5.39 8.34 -4.94
C TYR A 8 4.58 9.36 -4.14
N GLY A 9 3.33 9.53 -4.54
CA GLY A 9 2.35 10.29 -3.77
C GLY A 9 2.86 11.66 -3.35
N GLU A 10 2.96 11.90 -2.04
CA GLU A 10 3.40 13.20 -1.54
C GLU A 10 4.79 13.58 -2.07
N GLY A 11 5.66 12.59 -2.26
CA GLY A 11 6.92 12.86 -2.93
C GLY A 11 7.91 13.70 -2.15
N GLY A 12 7.76 13.72 -0.83
CA GLY A 12 8.61 14.58 -0.01
C GLY A 12 9.64 13.87 0.87
N GLY A 13 10.26 14.67 1.75
CA GLY A 13 11.27 14.23 2.70
C GLY A 13 10.79 13.15 3.67
N GLN A 14 9.49 13.11 3.95
CA GLN A 14 8.97 12.11 4.87
C GLN A 14 9.15 10.68 4.38
N ILE A 15 9.11 10.48 3.06
CA ILE A 15 9.36 9.15 2.52
C ILE A 15 10.78 8.71 2.91
N LEU A 16 11.72 9.61 2.73
CA LEU A 16 13.11 9.33 3.11
C LEU A 16 13.24 9.06 4.61
N ARG A 17 12.66 9.94 5.43
CA ARG A 17 12.75 9.79 6.89
C ARG A 17 12.15 8.50 7.45
N THR A 18 10.95 8.19 7.01
CA THR A 18 10.30 7.01 7.49
C THR A 18 11.06 5.75 7.03
N SER A 19 11.51 5.78 5.78
CA SER A 19 12.26 4.66 5.21
C SER A 19 13.50 4.33 6.04
N VAL A 20 14.32 5.34 6.31
CA VAL A 20 15.56 5.12 7.03
C VAL A 20 15.28 4.75 8.49
N ALA A 21 14.20 5.28 9.05
CA ALA A 21 13.86 4.91 10.42
C ALA A 21 13.44 3.43 10.47
N LEU A 22 12.63 3.02 9.52
CA LEU A 22 12.13 1.64 9.52
C LEU A 22 13.25 0.66 9.13
N SER A 23 14.14 1.07 8.24
CA SER A 23 15.32 0.26 7.95
C SER A 23 16.09 0.00 9.25
N THR A 24 16.26 1.06 10.04
CA THR A 24 17.01 0.99 11.30
C THR A 24 16.34 0.08 12.33
N ILE A 25 15.02 0.18 12.44
CA ILE A 25 14.26 -0.64 13.37
C ILE A 25 14.19 -2.12 12.94
N THR A 26 13.86 -2.38 11.67
CA THR A 26 13.64 -3.73 11.22
C THR A 26 14.95 -4.44 10.85
N GLY A 27 16.00 -3.68 10.55
CA GLY A 27 17.24 -4.25 10.04
C GLY A 27 17.28 -4.53 8.54
N GLU A 28 16.22 -4.19 7.84
CA GLU A 28 16.17 -4.37 6.38
C GLU A 28 16.85 -3.23 5.66
N PRO A 29 17.84 -3.54 4.84
CA PRO A 29 18.48 -2.47 4.05
C PRO A 29 17.52 -1.82 3.05
N VAL A 30 17.75 -0.56 2.74
CA VAL A 30 16.85 0.14 1.85
C VAL A 30 17.61 1.05 0.92
N ARG A 31 17.07 1.19 -0.28
CA ARG A 31 17.52 2.18 -1.25
C ARG A 31 16.33 3.08 -1.52
N ILE A 32 16.51 4.39 -1.34
CA ILE A 32 15.49 5.35 -1.74
C ILE A 32 15.98 6.11 -2.97
N VAL A 33 15.17 6.07 -4.03
CA VAL A 33 15.48 6.82 -5.24
C VAL A 33 14.48 7.96 -5.43
N ASN A 34 14.79 8.85 -6.37
CA ASN A 34 13.96 10.02 -6.64
C ASN A 34 13.61 10.82 -5.39
N ILE A 35 14.61 11.07 -4.56
CA ILE A 35 14.38 11.68 -3.26
C ILE A 35 13.86 13.10 -3.43
N ARG A 36 12.70 13.34 -2.83
CA ARG A 36 12.07 14.66 -2.82
C ARG A 36 11.85 15.13 -4.24
N ALA A 37 11.34 14.22 -5.08
CA ALA A 37 10.92 14.54 -6.44
C ALA A 37 9.85 15.65 -6.47
N ASN A 38 8.92 15.61 -5.51
CA ASN A 38 7.79 16.56 -5.49
C ASN A 38 8.08 17.78 -4.62
N ARG A 39 9.32 18.27 -4.72
CA ARG A 39 9.71 19.46 -3.99
C ARG A 39 10.56 20.34 -4.90
N PRO A 40 10.55 21.67 -4.67
CA PRO A 40 11.24 22.63 -5.54
C PRO A 40 12.75 22.39 -5.62
N ASN A 41 13.34 21.82 -4.58
CA ASN A 41 14.80 21.70 -4.47
C ASN A 41 15.24 20.24 -4.21
N PRO A 42 15.01 19.34 -5.17
CA PRO A 42 15.03 17.90 -4.89
C PRO A 42 16.35 17.34 -4.39
N GLY A 43 16.28 16.15 -3.81
CA GLY A 43 17.43 15.53 -3.23
C GLY A 43 17.54 15.90 -1.78
N LEU A 44 18.59 15.40 -1.16
CA LEU A 44 18.82 15.63 0.25
C LEU A 44 19.17 17.07 0.51
N ARG A 45 18.58 17.58 1.57
CA ARG A 45 18.97 18.85 2.18
C ARG A 45 19.76 18.57 3.46
N PRO A 46 20.34 19.61 4.09
CA PRO A 46 21.06 19.37 5.33
C PRO A 46 20.24 18.65 6.39
N GLN A 47 18.98 19.00 6.51
CA GLN A 47 18.14 18.31 7.49
C GLN A 47 18.15 16.79 7.26
N HIS A 48 17.89 16.38 6.05
CA HIS A 48 17.80 14.96 5.71
C HIS A 48 19.18 14.29 5.91
N LEU A 49 20.23 14.96 5.44
CA LEU A 49 21.56 14.41 5.52
C LEU A 49 21.90 14.12 6.99
N HIS A 50 21.66 15.08 7.89
CA HIS A 50 22.07 14.91 9.26
C HIS A 50 21.18 13.92 9.98
N ALA A 51 19.92 13.83 9.58
CA ALA A 51 19.08 12.76 10.10
C ALA A 51 19.66 11.39 9.71
N ILE A 52 20.04 11.24 8.43
CA ILE A 52 20.60 9.98 7.95
C ILE A 52 21.89 9.66 8.73
N LEU A 53 22.75 10.65 8.91
CA LEU A 53 24.02 10.42 9.60
C LEU A 53 23.80 10.01 11.05
N ALA A 54 22.74 10.52 11.68
CA ALA A 54 22.49 10.16 13.06
C ALA A 54 21.99 8.70 13.11
N LEU A 55 21.11 8.33 12.21
CA LEU A 55 20.61 6.97 12.18
C LEU A 55 21.75 6.00 11.83
N LYS A 56 22.65 6.45 10.97
CA LYS A 56 23.83 5.69 10.61
C LYS A 56 24.64 5.39 11.86
N HIS A 57 24.78 6.38 12.72
CA HIS A 57 25.49 6.21 13.98
C HIS A 57 24.79 5.20 14.89
N LEU A 58 23.48 5.35 15.08
CA LEU A 58 22.74 4.42 15.92
C LEU A 58 22.79 2.97 15.45
N ALA A 59 22.75 2.76 14.13
CA ALA A 59 22.67 1.41 13.58
C ALA A 59 23.98 0.93 12.98
N ASN A 60 25.05 1.69 13.18
CA ASN A 60 26.34 1.41 12.57
C ASN A 60 26.22 1.02 11.09
N ALA A 61 25.53 1.84 10.32
CA ALA A 61 25.17 1.48 8.95
C ALA A 61 26.24 1.85 7.96
N GLU A 62 26.16 1.23 6.79
CA GLU A 62 26.92 1.68 5.65
C GLU A 62 25.95 2.50 4.83
N VAL A 63 26.41 3.65 4.36
CA VAL A 63 25.54 4.55 3.62
C VAL A 63 26.18 4.99 2.32
N LYS A 64 25.40 5.00 1.25
CA LYS A 64 25.88 5.50 -0.03
C LYS A 64 24.92 6.56 -0.56
N GLY A 65 25.48 7.64 -1.09
CA GLY A 65 24.69 8.71 -1.66
C GLY A 65 24.31 9.79 -0.63
N ALA A 66 24.95 9.75 0.53
CA ALA A 66 24.63 10.70 1.58
C ALA A 66 25.37 12.02 1.38
N HIS A 67 24.88 12.83 0.45
CA HIS A 67 25.40 14.17 0.29
C HIS A 67 24.27 15.10 -0.15
N VAL A 68 24.43 16.38 0.16
CA VAL A 68 23.41 17.37 -0.19
C VAL A 68 23.21 17.41 -1.69
N GLY A 69 21.96 17.33 -2.14
CA GLY A 69 21.66 17.28 -3.55
C GLY A 69 21.42 15.86 -4.07
N SER A 70 21.89 14.85 -3.34
CA SER A 70 21.72 13.48 -3.81
C SER A 70 20.25 13.10 -3.92
N ARG A 71 19.87 12.50 -5.05
CA ARG A 71 18.52 11.98 -5.24
C ARG A 71 18.38 10.49 -4.91
N GLU A 72 19.48 9.89 -4.50
CA GLU A 72 19.48 8.45 -4.22
C GLU A 72 20.29 8.13 -2.97
N LEU A 73 19.76 7.28 -2.11
CA LEU A 73 20.43 6.89 -0.90
C LEU A 73 20.32 5.39 -0.70
N VAL A 74 21.44 4.75 -0.33
CA VAL A 74 21.45 3.37 0.08
C VAL A 74 21.83 3.36 1.55
N PHE A 75 21.04 2.63 2.34
CA PHE A 75 21.20 2.60 3.80
C PHE A 75 21.19 1.15 4.22
N ILE A 76 22.33 0.66 4.72
CA ILE A 76 22.43 -0.77 5.12
C ILE A 76 22.79 -0.88 6.58
N PRO A 77 21.78 -1.13 7.43
CA PRO A 77 22.03 -1.05 8.87
C PRO A 77 22.62 -2.32 9.47
N LYS A 78 23.41 -2.17 10.53
CA LYS A 78 23.79 -3.30 11.37
C LYS A 78 22.96 -3.23 12.66
N LYS A 79 23.57 -3.40 13.81
CA LYS A 79 22.76 -3.49 15.03
C LYS A 79 22.33 -2.12 15.52
N LEU A 80 21.06 -2.00 15.85
CA LEU A 80 20.56 -0.78 16.47
C LEU A 80 20.98 -0.71 17.94
N GLU A 81 21.87 0.22 18.28
CA GLU A 81 22.36 0.38 19.65
C GLU A 81 22.16 1.80 20.15
N ALA A 82 21.76 1.93 21.41
CA ALA A 82 21.67 3.24 22.06
C ALA A 82 23.04 3.90 22.12
N LYS A 83 23.13 5.10 21.57
CA LYS A 83 24.31 5.92 21.69
C LYS A 83 23.81 7.34 21.83
N GLU A 84 24.62 8.21 22.39
CA GLU A 84 24.26 9.61 22.54
C GLU A 84 24.29 10.29 21.17
N ILE A 85 23.29 11.11 20.90
CA ILE A 85 23.22 11.80 19.62
C ILE A 85 23.59 13.29 19.77
N SER A 86 24.47 13.77 18.91
CA SER A 86 24.80 15.16 18.88
C SER A 86 24.86 15.57 17.42
N ILE A 87 24.01 16.52 17.03
CA ILE A 87 23.87 16.91 15.63
C ILE A 87 23.89 18.41 15.48
N ASP A 88 24.68 18.88 14.53
CA ASP A 88 24.69 20.28 14.16
CA ASP A 88 24.70 20.29 14.16
C ASP A 88 24.31 20.36 12.70
N ILE A 89 23.06 20.73 12.43
CA ILE A 89 22.55 20.78 11.05
C ILE A 89 23.35 21.80 10.22
N GLY A 90 23.80 22.87 10.87
CA GLY A 90 24.59 23.90 10.22
C GLY A 90 23.77 24.94 9.45
N THR A 91 22.48 24.74 9.30
CA THR A 91 21.64 25.71 8.66
C THR A 91 20.42 25.85 9.56
N ALA A 92 19.35 26.47 9.05
CA ALA A 92 18.10 26.50 9.80
C ALA A 92 17.25 25.24 9.57
N GLY A 93 17.87 24.19 9.04
CA GLY A 93 17.17 22.94 8.78
C GLY A 93 16.41 22.47 10.00
N SER A 94 15.31 21.78 9.74
CA SER A 94 14.33 21.54 10.78
C SER A 94 14.75 20.47 11.78
N ILE A 95 15.00 20.91 13.00
CA ILE A 95 15.19 20.00 14.11
C ILE A 95 14.00 19.07 14.30
N THR A 96 12.79 19.59 14.19
CA THR A 96 11.65 18.74 14.45
C THR A 96 11.56 17.62 13.40
N LEU A 97 11.98 17.90 12.18
CA LEU A 97 11.93 16.85 11.16
C LEU A 97 13.10 15.88 11.34
N VAL A 98 14.25 16.36 11.79
CA VAL A 98 15.30 15.43 12.18
C VAL A 98 14.76 14.49 13.26
N LEU A 99 14.12 15.04 14.29
CA LEU A 99 13.48 14.21 15.34
C LEU A 99 12.42 13.25 14.81
N GLN A 100 11.70 13.69 13.79
CA GLN A 100 10.73 12.83 13.18
C GLN A 100 11.41 11.56 12.61
N ALA A 101 12.58 11.71 12.00
CA ALA A 101 13.35 10.57 11.53
C ALA A 101 13.86 9.69 12.67
N LEU A 102 14.31 10.33 13.74
CA LEU A 102 15.05 9.67 14.82
C LEU A 102 14.18 9.00 15.84
N LEU A 103 13.04 9.59 16.14
CA LEU A 103 12.25 9.15 17.27
C LEU A 103 11.85 7.69 17.17
N PRO A 104 11.31 7.28 16.01
CA PRO A 104 10.92 5.85 15.92
C PRO A 104 12.09 4.93 16.16
N ALA A 105 13.29 5.29 15.70
CA ALA A 105 14.45 4.42 15.90
C ALA A 105 14.93 4.46 17.34
N MET A 106 14.93 5.66 17.93
CA MET A 106 15.52 5.83 19.24
C MET A 106 14.77 5.02 20.29
N VAL A 107 13.44 4.94 20.16
CA VAL A 107 12.66 4.26 21.17
C VAL A 107 12.73 2.72 21.06
N PHE A 108 13.36 2.22 20.01
CA PHE A 108 13.51 0.78 19.83
C PHE A 108 14.91 0.34 20.22
N ALA A 109 15.72 1.29 20.66
CA ALA A 109 17.13 1.01 20.95
C ALA A 109 17.44 0.28 22.29
N ARG A 110 16.44 0.02 23.13
CA ARG A 110 16.64 -0.85 24.32
C ARG A 110 17.21 -0.16 25.56
N GLU A 111 17.97 0.90 25.37
CA GLU A 111 18.32 1.79 26.47
C GLU A 111 17.99 3.23 26.12
N LYS A 112 17.83 4.07 27.14
CA LYS A 112 17.63 5.49 26.98
C LYS A 112 18.59 6.12 25.96
N VAL A 113 18.07 6.97 25.08
CA VAL A 113 18.94 7.72 24.17
C VAL A 113 18.80 9.23 24.41
N LYS A 114 19.92 9.90 24.67
CA LYS A 114 19.96 11.36 24.83
C LYS A 114 20.36 12.00 23.53
N PHE A 115 19.82 13.18 23.24
CA PHE A 115 20.15 13.85 21.99
C PHE A 115 20.30 15.34 22.18
N ARG A 116 21.12 15.94 21.35
CA ARG A 116 21.23 17.38 21.31
C ARG A 116 21.30 17.69 19.83
N ILE A 117 20.49 18.66 19.38
CA ILE A 117 20.39 18.98 17.96
C ILE A 117 20.33 20.49 17.79
N THR A 118 21.14 21.01 16.87
CA THR A 118 21.16 22.42 16.57
C THR A 118 20.74 22.65 15.13
N GLY A 119 20.04 23.76 14.93
CA GLY A 119 19.40 24.04 13.66
C GLY A 119 18.22 24.95 13.86
N GLY A 120 17.17 24.73 13.07
CA GLY A 120 15.97 25.51 13.20
C GLY A 120 14.91 24.86 14.08
N THR A 121 14.40 25.62 15.03
CA THR A 121 13.33 25.14 15.88
C THR A 121 11.95 25.51 15.35
N ASP A 122 11.90 26.60 14.56
CA ASP A 122 10.64 27.21 14.14
C ASP A 122 10.82 27.77 12.75
N VAL A 123 10.65 26.89 11.76
CA VAL A 123 10.95 27.17 10.37
C VAL A 123 9.83 26.64 9.47
N SER A 124 9.74 27.16 8.26
CA SER A 124 8.61 26.84 7.38
C SER A 124 8.53 25.39 7.00
N TRP A 125 7.28 24.97 6.77
CA TRP A 125 6.92 23.68 6.22
C TRP A 125 7.38 22.57 7.12
N SER A 126 7.31 22.81 8.42
CA SER A 126 7.67 21.78 9.40
C SER A 126 6.99 22.09 10.71
N PRO A 127 6.87 21.07 11.58
CA PRO A 127 6.29 21.34 12.89
C PRO A 127 7.15 22.32 13.66
N PRO A 128 6.51 23.29 14.34
CA PRO A 128 7.30 24.09 15.29
C PRO A 128 7.63 23.20 16.49
N VAL A 129 8.75 23.46 17.14
CA VAL A 129 9.19 22.59 18.21
C VAL A 129 8.15 22.50 19.35
N ASP A 130 7.46 23.60 19.65
CA ASP A 130 6.40 23.56 20.67
C ASP A 130 5.19 22.68 20.26
N TYR A 131 4.99 22.47 18.96
CA TYR A 131 3.97 21.53 18.52
C TYR A 131 4.43 20.10 18.84
N LEU A 132 5.69 19.80 18.55
CA LEU A 132 6.20 18.47 18.76
C LEU A 132 6.20 18.12 20.24
N SER A 133 6.61 19.06 21.08
CA SER A 133 6.72 18.76 22.49
C SER A 133 5.36 18.75 23.19
N ASN A 134 4.38 19.54 22.75
CA ASN A 134 3.11 19.63 23.45
C ASN A 134 1.92 18.90 22.83
N VAL A 135 2.04 18.54 21.55
CA VAL A 135 0.95 17.86 20.87
C VAL A 135 1.41 16.45 20.51
N THR A 136 2.49 16.35 19.75
CA THR A 136 2.95 15.05 19.28
C THR A 136 3.33 14.13 20.46
N LEU A 137 4.21 14.60 21.32
CA LEU A 137 4.71 13.83 22.46
C LEU A 137 3.59 13.48 23.44
N PHE A 138 2.61 14.37 23.56
CA PHE A 138 1.45 14.11 24.40
C PHE A 138 0.74 12.86 23.87
N ALA A 139 0.47 12.82 22.56
CA ALA A 139 -0.15 11.63 21.96
C ALA A 139 0.75 10.39 22.10
N LEU A 140 2.06 10.54 21.91
CA LEU A 140 2.96 9.41 22.01
C LEU A 140 2.98 8.81 23.44
N GLU A 141 2.76 9.66 24.44
CA GLU A 141 2.77 9.20 25.82
C GLU A 141 1.64 8.19 26.00
N LYS A 142 0.52 8.43 25.32
CA LYS A 142 -0.63 7.56 25.39
C LYS A 142 -0.37 6.13 24.94
N ILE A 143 0.60 5.93 24.06
CA ILE A 143 0.93 4.56 23.62
C ILE A 143 2.16 4.00 24.33
N GLY A 144 2.63 4.73 25.34
CA GLY A 144 3.67 4.23 26.22
C GLY A 144 5.04 4.76 25.97
N ILE A 145 5.18 5.77 25.10
CA ILE A 145 6.47 6.36 24.82
C ILE A 145 6.75 7.51 25.79
N HIS A 146 7.93 7.49 26.39
CA HIS A 146 8.29 8.51 27.35
C HIS A 146 9.58 9.19 26.93
N GLY A 147 9.58 10.50 26.99
CA GLY A 147 10.77 11.25 26.68
C GLY A 147 10.55 12.71 27.01
N GLU A 148 11.49 13.52 26.55
CA GLU A 148 11.48 14.93 26.83
C GLU A 148 12.16 15.66 25.68
N ILE A 149 11.60 16.79 25.33
CA ILE A 149 12.12 17.66 24.29
C ILE A 149 12.14 19.07 24.88
N ARG A 150 13.34 19.59 25.09
CA ARG A 150 13.54 20.93 25.65
C ARG A 150 14.21 21.88 24.66
N VAL A 151 13.59 23.04 24.47
CA VAL A 151 14.20 24.10 23.70
C VAL A 151 15.21 24.87 24.55
N ILE A 152 16.48 24.79 24.20
CA ILE A 152 17.50 25.54 24.92
C ILE A 152 17.64 26.93 24.30
N ARG A 153 17.57 26.99 22.98
CA ARG A 153 17.67 28.24 22.28
C ARG A 153 16.83 28.15 21.00
N ARG A 154 16.09 29.20 20.67
CA ARG A 154 15.34 29.23 19.43
C ARG A 154 16.27 29.39 18.23
N GLY A 155 15.82 28.88 17.08
CA GLY A 155 16.47 29.11 15.82
C GLY A 155 15.49 29.25 14.69
N HIS A 156 15.70 30.28 13.86
CA HIS A 156 14.79 30.59 12.80
C HIS A 156 15.52 30.64 11.47
N TYR A 157 14.75 30.68 10.39
CA TYR A 157 15.30 30.88 9.06
C TYR A 157 15.66 32.35 8.96
N PRO A 158 16.84 32.68 8.41
CA PRO A 158 17.78 31.76 7.75
C PRO A 158 18.98 31.26 8.56
N LYS A 159 19.29 31.85 9.72
CA LYS A 159 20.58 31.57 10.34
C LYS A 159 20.55 30.35 11.22
N GLY A 160 19.38 29.96 11.70
CA GLY A 160 19.29 28.80 12.56
C GLY A 160 19.91 29.10 13.91
N GLY A 161 20.81 28.22 14.33
CA GLY A 161 21.49 28.33 15.61
C GLY A 161 20.61 27.98 16.80
N GLY A 162 19.46 27.37 16.55
CA GLY A 162 18.64 26.84 17.63
C GLY A 162 19.27 25.63 18.27
N ILE A 163 18.86 25.33 19.50
CA ILE A 163 19.42 24.20 20.25
C ILE A 163 18.28 23.50 20.98
N VAL A 164 18.11 22.21 20.70
CA VAL A 164 17.14 21.37 21.37
C VAL A 164 17.83 20.18 22.04
N GLU A 165 17.42 19.84 23.26
CA GLU A 165 17.97 18.67 23.96
C GLU A 165 16.84 17.86 24.53
N GLY A 166 17.10 16.57 24.72
CA GLY A 166 16.14 15.72 25.39
C GLY A 166 16.60 14.28 25.36
N TYR A 167 15.63 13.40 25.48
CA TYR A 167 15.90 11.99 25.50
C TYR A 167 14.61 11.24 25.28
N VAL A 168 14.72 9.98 24.92
CA VAL A 168 13.59 9.06 25.00
C VAL A 168 14.01 7.79 25.74
N GLU A 169 13.02 7.12 26.33
CA GLU A 169 13.22 5.85 26.99
C GLU A 169 12.84 4.75 26.01
N PRO A 170 13.39 3.54 26.20
CA PRO A 170 12.99 2.41 25.37
C PRO A 170 11.51 2.12 25.48
N TRP A 171 10.87 1.85 24.34
CA TRP A 171 9.44 1.61 24.28
C TRP A 171 9.07 0.17 24.69
N ASN A 172 9.15 -0.13 25.98
CA ASN A 172 9.00 -1.50 26.47
C ASN A 172 7.57 -1.91 26.70
N GLU A 173 6.73 -0.93 27.03
CA GLU A 173 5.35 -1.21 27.27
C GLU A 173 4.48 -0.45 26.28
N LYS A 174 4.03 -1.15 25.25
CA LYS A 174 3.26 -0.53 24.18
C LYS A 174 1.79 -0.74 24.42
N ARG A 175 1.03 0.31 24.18
CA ARG A 175 -0.39 0.32 24.47
C ARG A 175 -1.14 0.90 23.25
N GLU A 176 -2.32 0.38 22.95
CA GLU A 176 -3.00 0.86 21.77
C GLU A 176 -3.63 2.24 21.97
N LEU A 177 -3.68 2.99 20.87
CA LEU A 177 -4.29 4.31 20.89
C LEU A 177 -5.67 4.18 20.34
N VAL A 178 -6.65 4.69 21.07
CA VAL A 178 -8.02 4.74 20.59
C VAL A 178 -8.52 6.16 20.64
N ALA A 179 -8.57 6.83 19.50
CA ALA A 179 -8.86 8.26 19.47
C ALA A 179 -9.78 8.53 18.30
N LYS A 180 -11.07 8.53 18.58
CA LYS A 180 -12.08 8.69 17.56
C LYS A 180 -12.65 10.11 17.56
N GLU A 181 -13.73 10.32 18.30
CA GLU A 181 -14.34 11.64 18.40
C GLU A 181 -14.04 12.20 19.77
N TYR A 182 -13.89 13.52 19.86
CA TYR A 182 -13.82 14.14 21.17
C TYR A 182 -15.24 14.58 21.55
N SER A 183 -15.54 14.59 22.84
CA SER A 183 -16.85 15.02 23.31
C SER A 183 -16.83 16.38 24.01
N ARG A 184 -15.65 16.83 24.42
CA ARG A 184 -15.52 18.09 25.14
C ARG A 184 -14.18 18.77 24.84
N ILE A 185 -14.24 20.05 24.55
CA ILE A 185 -13.04 20.88 24.60
C ILE A 185 -12.94 21.48 25.98
N ILE A 186 -11.92 21.10 26.71
CA ILE A 186 -11.76 21.56 28.09
C ILE A 186 -11.22 22.98 28.13
N LYS A 187 -10.20 23.25 27.33
CA LYS A 187 -9.55 24.54 27.28
C LYS A 187 -8.56 24.64 26.12
N ILE A 188 -8.14 25.86 25.83
CA ILE A 188 -7.12 26.13 24.84
C ILE A 188 -5.89 26.59 25.57
N GLU A 189 -4.74 26.00 25.25
CA GLU A 189 -3.44 26.50 25.71
C GLU A 189 -2.55 26.85 24.53
N GLY A 190 -1.40 27.46 24.80
CA GLY A 190 -0.48 27.80 23.74
C GLY A 190 0.77 28.44 24.24
N ILE A 191 1.72 28.60 23.32
CA ILE A 191 2.97 29.29 23.56
C ILE A 191 3.25 30.20 22.36
N SER A 192 3.35 31.50 22.64
CA SER A 192 3.70 32.51 21.67
C SER A 192 5.08 33.01 22.05
N HIS A 193 6.03 32.87 21.14
CA HIS A 193 7.38 33.33 21.40
C HIS A 193 7.80 34.40 20.44
N ALA A 194 8.75 35.22 20.89
CA ALA A 194 9.44 36.16 20.03
C ALA A 194 10.91 36.24 20.47
N THR A 195 11.79 36.19 19.49
CA THR A 195 13.19 36.04 19.71
C THR A 195 13.87 37.20 19.01
N ASN A 196 14.77 37.88 19.74
CA ASN A 196 15.45 39.10 19.27
C ASN A 196 14.47 40.13 18.69
N LEU A 197 13.33 40.26 19.33
CA LEU A 197 12.27 41.10 18.80
C LEU A 197 11.57 41.75 19.98
N PRO A 198 10.88 42.87 19.73
CA PRO A 198 10.09 43.48 20.81
C PRO A 198 9.11 42.52 21.46
N SER A 199 9.00 42.64 22.76
CA SER A 199 8.18 41.72 23.51
C SER A 199 6.68 41.81 23.14
N HIS A 200 6.24 42.95 22.63
CA HIS A 200 4.86 43.05 22.18
C HIS A 200 4.58 42.10 21.02
N VAL A 201 5.58 41.66 20.27
CA VAL A 201 5.30 40.68 19.21
C VAL A 201 4.66 39.42 19.78
N ALA A 202 5.22 38.88 20.87
CA ALA A 202 4.66 37.67 21.48
C ALA A 202 3.28 37.90 22.05
N GLU A 203 3.12 39.05 22.72
CA GLU A 203 1.85 39.42 23.33
C GLU A 203 0.76 39.64 22.28
N ARG A 204 1.11 40.31 21.19
CA ARG A 204 0.12 40.54 20.15
C ARG A 204 -0.34 39.28 19.38
N GLN A 205 0.59 38.35 19.16
CA GLN A 205 0.27 37.05 18.55
C GLN A 205 -0.75 36.33 19.42
N ALA A 206 -0.51 36.33 20.71
CA ALA A 206 -1.36 35.65 21.66
C ALA A 206 -2.74 36.29 21.73
N ARG A 207 -2.77 37.63 21.77
CA ARG A 207 -4.03 38.38 21.85
C ARG A 207 -4.87 38.20 20.60
N ALA A 208 -4.22 38.22 19.43
CA ALA A 208 -4.96 37.97 18.20
C ALA A 208 -5.50 36.52 18.14
N ALA A 209 -4.69 35.56 18.52
CA ALA A 209 -5.20 34.19 18.57
C ALA A 209 -6.39 34.07 19.53
N LYS A 210 -6.25 34.66 20.70
CA LYS A 210 -7.33 34.60 21.69
C LYS A 210 -8.64 35.15 21.12
N ASP A 211 -8.55 36.27 20.40
CA ASP A 211 -9.68 36.89 19.75
C ASP A 211 -10.47 35.91 18.91
N GLU A 212 -9.78 35.11 18.09
CA GLU A 212 -10.43 34.21 17.13
C GLU A 212 -10.98 33.01 17.85
N LEU A 213 -10.39 32.68 18.99
CA LEU A 213 -10.84 31.52 19.72
C LEU A 213 -11.95 31.79 20.76
N LEU A 214 -12.37 33.05 20.93
CA LEU A 214 -13.47 33.37 21.87
C LEU A 214 -14.75 32.57 21.53
N GLN A 215 -14.99 32.37 20.24
CA GLN A 215 -16.18 31.65 19.77
C GLN A 215 -16.32 30.25 20.35
N LEU A 216 -15.25 29.67 20.89
CA LEU A 216 -15.32 28.32 21.40
C LEU A 216 -15.88 28.23 22.83
N LYS A 217 -15.98 29.36 23.52
CA LYS A 217 -16.66 29.42 24.82
C LYS A 217 -15.92 28.61 25.85
N VAL A 218 -14.60 28.52 25.72
CA VAL A 218 -13.81 27.85 26.74
C VAL A 218 -12.67 28.74 27.15
N PRO A 219 -12.07 28.44 28.30
CA PRO A 219 -10.91 29.17 28.82
C PRO A 219 -9.73 29.06 27.85
N ILE A 220 -8.97 30.14 27.73
CA ILE A 220 -7.85 30.24 26.82
C ILE A 220 -6.70 30.82 27.59
N GLU A 221 -5.57 30.12 27.62
CA GLU A 221 -4.37 30.61 28.30
C GLU A 221 -3.15 30.38 27.42
N ILE A 222 -2.61 31.46 26.89
CA ILE A 222 -1.51 31.37 25.97
C ILE A 222 -0.32 32.04 26.63
N ARG A 223 0.71 31.26 26.91
CA ARG A 223 1.92 31.78 27.56
CA ARG A 223 1.92 31.79 27.55
C ARG A 223 2.78 32.51 26.52
N THR A 224 3.50 33.52 26.96
CA THR A 224 4.41 34.26 26.08
C THR A 224 5.84 34.03 26.50
N GLU A 225 6.73 33.99 25.52
CA GLU A 225 8.13 33.74 25.77
C GLU A 225 8.92 34.79 25.00
N ILE A 226 9.77 35.50 25.70
CA ILE A 226 10.70 36.44 25.10
C ILE A 226 12.08 35.81 25.23
N SER A 227 12.79 35.64 24.12
CA SER A 227 14.10 35.03 24.16
C SER A 227 15.09 35.68 23.21
N ARG A 228 16.34 35.21 23.31
CA ARG A 228 17.44 35.69 22.51
C ARG A 228 18.11 34.56 21.73
N SER A 229 18.59 34.85 20.54
CA SER A 229 19.38 33.91 19.80
C SER A 229 20.24 34.69 18.83
N ILE A 230 20.57 34.12 17.69
CA ILE A 230 21.47 34.78 16.75
C ILE A 230 20.73 35.57 15.64
N GLY A 231 19.40 35.57 15.67
CA GLY A 231 18.62 36.31 14.70
C GLY A 231 17.19 36.47 15.17
N PRO A 232 16.39 37.31 14.49
CA PRO A 232 15.00 37.52 14.89
C PRO A 232 14.08 36.39 14.44
N GLY A 233 12.99 36.16 15.16
CA GLY A 233 11.99 35.20 14.73
C GLY A 233 10.89 35.12 15.74
N SER A 234 9.74 34.64 15.30
CA SER A 234 8.64 34.46 16.20
C SER A 234 7.67 33.41 15.68
N GLY A 235 6.75 33.02 16.54
CA GLY A 235 5.84 31.95 16.23
C GLY A 235 4.89 31.70 17.37
N ILE A 236 3.83 30.98 17.06
CA ILE A 236 2.85 30.65 18.05
C ILE A 236 2.21 29.32 17.74
N VAL A 237 2.05 28.51 18.78
CA VAL A 237 1.25 27.30 18.69
C VAL A 237 0.17 27.35 19.73
N VAL A 238 -1.02 26.92 19.35
CA VAL A 238 -2.16 26.82 20.22
C VAL A 238 -2.72 25.43 20.09
N TRP A 239 -3.24 24.89 21.18
CA TRP A 239 -3.86 23.57 21.13
C TRP A 239 -5.08 23.46 22.03
N ALA A 240 -6.02 22.62 21.59
CA ALA A 240 -7.23 22.34 22.35
C ALA A 240 -6.98 21.10 23.16
N GLU A 241 -7.06 21.24 24.47
CA GLU A 241 -7.13 20.11 25.37
C GLU A 241 -8.56 19.57 25.35
N THR A 242 -8.72 18.33 24.91
CA THR A 242 -10.03 17.70 24.84
C THR A 242 -10.09 16.54 25.80
N ASP A 243 -11.21 15.82 25.84
CA ASP A 243 -11.28 14.60 26.64
C ASP A 243 -10.44 13.46 26.04
N CYS A 244 -9.98 13.59 24.79
CA CYS A 244 -9.11 12.58 24.20
CA CYS A 244 -9.10 12.59 24.21
C CYS A 244 -7.69 13.13 23.97
N LEU A 245 -7.39 13.61 22.76
CA LEU A 245 -6.05 14.11 22.47
C LEU A 245 -6.04 15.63 22.29
N ARG A 246 -4.85 16.20 22.19
CA ARG A 246 -4.71 17.60 21.84
C ARG A 246 -4.67 17.76 20.32
N LEU A 247 -5.41 18.74 19.82
CA LEU A 247 -5.32 19.15 18.44
C LEU A 247 -4.62 20.50 18.42
N GLY A 248 -3.78 20.73 17.42
CA GLY A 248 -3.02 21.96 17.36
C GLY A 248 -3.24 22.80 16.13
N GLY A 249 -2.85 24.07 16.23
CA GLY A 249 -2.70 24.97 15.11
C GLY A 249 -1.53 25.87 15.41
N ASP A 250 -0.84 26.35 14.39
CA ASP A 250 0.35 27.15 14.57
C ASP A 250 0.65 28.02 13.35
N ALA A 251 1.54 28.99 13.54
CA ALA A 251 1.97 29.89 12.50
C ALA A 251 3.30 30.52 12.88
N LEU A 252 3.97 31.04 11.86
CA LEU A 252 5.28 31.61 12.01
C LEU A 252 5.30 33.08 11.66
N GLY A 253 6.09 33.85 12.38
CA GLY A 253 6.32 35.22 11.99
C GLY A 253 7.33 35.27 10.86
N LYS A 254 7.36 36.41 10.19
CA LYS A 254 8.46 36.74 9.30
C LYS A 254 8.49 38.24 9.17
N LYS A 255 9.58 38.77 8.63
CA LYS A 255 9.73 40.21 8.47
C LYS A 255 8.53 40.83 7.75
N GLY A 256 7.90 41.80 8.40
CA GLY A 256 6.76 42.48 7.80
C GLY A 256 5.40 41.84 8.01
N LYS A 257 5.37 40.57 8.44
CA LYS A 257 4.08 39.94 8.68
C LYS A 257 3.55 40.36 10.04
N PRO A 258 2.40 41.06 10.06
CA PRO A 258 1.94 41.55 11.37
C PRO A 258 1.71 40.45 12.41
N ALA A 259 2.15 40.70 13.65
CA ALA A 259 1.94 39.78 14.76
C ALA A 259 0.47 39.31 14.84
N GLU A 260 -0.47 40.21 14.58
CA GLU A 260 -1.90 39.89 14.60
C GLU A 260 -2.31 38.82 13.58
N ILE A 261 -1.73 38.91 12.38
CA ILE A 261 -1.97 37.94 11.33
C ILE A 261 -1.40 36.57 11.73
N VAL A 262 -0.20 36.58 12.32
CA VAL A 262 0.40 35.35 12.82
C VAL A 262 -0.53 34.65 13.80
N GLY A 263 -1.04 35.41 14.78
CA GLY A 263 -1.88 34.84 15.82
C GLY A 263 -3.20 34.36 15.24
N LYS A 264 -3.72 35.15 14.32
CA LYS A 264 -5.01 34.84 13.71
C LYS A 264 -4.93 33.55 12.87
N GLU A 265 -3.86 33.42 12.10
CA GLU A 265 -3.60 32.21 11.32
C GLU A 265 -3.53 30.95 12.17
N ALA A 266 -2.78 31.00 13.27
CA ALA A 266 -2.62 29.82 14.12
C ALA A 266 -3.98 29.45 14.68
N ALA A 267 -4.74 30.42 15.16
CA ALA A 267 -6.07 30.16 15.72
C ALA A 267 -7.01 29.58 14.67
N GLN A 268 -7.01 30.16 13.49
CA GLN A 268 -7.89 29.67 12.44
C GLN A 268 -7.51 28.25 12.04
N GLU A 269 -6.21 27.94 12.06
CA GLU A 269 -5.81 26.56 11.78
C GLU A 269 -6.38 25.63 12.82
N LEU A 270 -6.27 25.99 14.10
CA LEU A 270 -6.83 25.17 15.16
C LEU A 270 -8.33 24.99 15.00
N LEU A 271 -9.02 26.08 14.67
CA LEU A 271 -10.47 26.03 14.46
C LEU A 271 -10.83 25.06 13.32
N ASP A 272 -10.07 25.13 12.23
CA ASP A 272 -10.29 24.23 11.11
C ASP A 272 -10.09 22.78 11.55
N GLN A 273 -9.12 22.53 12.41
CA GLN A 273 -8.82 21.15 12.80
C GLN A 273 -9.93 20.59 13.69
N LEU A 274 -10.56 21.47 14.48
CA LEU A 274 -11.61 21.05 15.39
C LEU A 274 -12.93 20.78 14.71
N LYS A 275 -13.15 21.39 13.56
CA LYS A 275 -14.49 21.41 12.99
C LYS A 275 -15.12 20.01 12.81
N PRO A 276 -14.38 19.03 12.26
CA PRO A 276 -14.99 17.71 12.04
C PRO A 276 -15.35 16.96 13.30
N GLY A 277 -14.78 17.29 14.45
CA GLY A 277 -15.14 16.55 15.67
C GLY A 277 -14.28 15.32 15.92
N HIS A 278 -13.29 15.11 15.08
CA HIS A 278 -12.37 13.99 15.27
C HIS A 278 -11.19 14.36 16.18
N CYS A 279 -10.66 13.37 16.88
CA CYS A 279 -9.62 13.56 17.88
C CYS A 279 -8.23 13.96 17.36
N VAL A 280 -7.90 13.57 16.13
CA VAL A 280 -6.53 13.71 15.61
C VAL A 280 -6.49 14.74 14.49
N ASP A 281 -5.66 15.76 14.67
CA ASP A 281 -5.51 16.79 13.66
C ASP A 281 -4.74 16.24 12.48
N LYS A 282 -4.77 16.97 11.39
CA LYS A 282 -4.28 16.41 10.15
C LYS A 282 -2.77 16.21 10.15
N PHE A 283 -2.03 16.95 10.98
CA PHE A 283 -0.57 16.82 11.06
C PHE A 283 -0.18 15.62 11.89
N LEU A 284 -0.75 15.55 13.06
CA LEU A 284 -0.52 14.43 13.95
C LEU A 284 -0.94 13.12 13.29
N GLY A 285 -1.98 13.18 12.46
CA GLY A 285 -2.46 12.01 11.74
C GLY A 285 -1.32 11.33 11.01
N ASP A 286 -0.51 12.11 10.30
CA ASP A 286 0.57 11.53 9.52
C ASP A 286 1.77 11.14 10.43
N GLN A 287 1.96 11.87 11.52
CA GLN A 287 3.12 11.68 12.35
C GLN A 287 2.99 10.40 13.17
N LEU A 288 1.76 10.05 13.49
CA LEU A 288 1.48 8.86 14.28
C LEU A 288 1.65 7.52 13.49
N ILE A 289 1.56 7.58 12.17
CA ILE A 289 1.53 6.38 11.35
C ILE A 289 2.59 5.33 11.66
N PRO A 290 3.88 5.72 11.69
CA PRO A 290 4.88 4.68 11.96
C PRO A 290 4.74 4.05 13.34
N PHE A 291 4.25 4.81 14.30
CA PHE A 291 4.13 4.27 15.66
C PHE A 291 2.94 3.35 15.80
N LEU A 292 1.86 3.69 15.12
CA LEU A 292 0.61 2.93 15.25
C LEU A 292 0.78 1.49 14.74
N ALA A 293 1.70 1.29 13.80
CA ALA A 293 1.99 -0.03 13.29
C ALA A 293 2.40 -0.96 14.43
N PHE A 294 3.05 -0.41 15.45
CA PHE A 294 3.55 -1.23 16.55
C PHE A 294 2.67 -1.17 17.77
N SER A 295 1.86 -0.12 17.89
CA SER A 295 1.01 0.02 19.07
C SER A 295 -0.37 -0.58 18.87
N GLY A 296 -0.84 -0.55 17.63
CA GLY A 296 -2.22 -0.89 17.35
C GLY A 296 -3.14 0.25 17.75
N GLY A 297 -4.41 0.09 17.40
CA GLY A 297 -5.43 1.04 17.75
C GLY A 297 -6.16 1.61 16.56
N VAL A 298 -6.74 2.78 16.77
CA VAL A 298 -7.55 3.44 15.74
C VAL A 298 -7.55 4.96 15.95
N ILE A 299 -7.39 5.72 14.88
CA ILE A 299 -7.50 7.17 14.97
C ILE A 299 -8.47 7.69 13.94
N TRP A 300 -9.27 8.66 14.35
CA TRP A 300 -10.10 9.40 13.42
C TRP A 300 -9.46 10.77 13.26
N VAL A 301 -9.21 11.16 12.02
CA VAL A 301 -8.52 12.41 11.73
C VAL A 301 -9.44 13.42 11.10
N SER A 302 -9.12 14.68 11.31
CA SER A 302 -9.89 15.80 10.78
C SER A 302 -9.80 15.83 9.27
N GLU A 303 -8.66 15.41 8.75
CA GLU A 303 -8.46 15.39 7.32
C GLU A 303 -7.40 14.39 6.93
N ILE A 304 -7.75 13.50 6.00
CA ILE A 304 -6.78 12.58 5.41
C ILE A 304 -5.95 13.36 4.40
N THR A 305 -4.63 13.41 4.60
CA THR A 305 -3.76 14.11 3.67
C THR A 305 -2.94 13.13 2.85
N ASN A 306 -2.32 13.64 1.81
CA ASN A 306 -1.38 12.87 1.03
C ASN A 306 -0.15 12.45 1.86
N HIS A 307 0.22 13.28 2.84
CA HIS A 307 1.31 12.91 3.72
C HIS A 307 0.95 11.66 4.43
N LEU A 308 -0.26 11.63 4.96
CA LEU A 308 -0.71 10.49 5.74
C LEU A 308 -0.76 9.22 4.88
N LYS A 309 -1.34 9.32 3.69
CA LYS A 309 -1.45 8.17 2.79
C LYS A 309 -0.08 7.70 2.32
N THR A 310 0.82 8.64 2.07
CA THR A 310 2.16 8.28 1.64
C THR A 310 2.94 7.59 2.76
N ASN A 311 2.74 8.05 3.98
CA ASN A 311 3.43 7.45 5.10
C ASN A 311 2.93 6.03 5.33
N ILE A 312 1.64 5.82 5.17
CA ILE A 312 1.09 4.48 5.28
C ILE A 312 1.75 3.53 4.25
N TRP A 313 1.86 4.01 3.03
CA TRP A 313 2.46 3.23 1.95
C TRP A 313 3.91 2.89 2.23
N VAL A 314 4.68 3.84 2.74
CA VAL A 314 6.04 3.54 3.13
C VAL A 314 6.07 2.49 4.25
N VAL A 315 5.29 2.70 5.29
CA VAL A 315 5.30 1.77 6.41
C VAL A 315 4.96 0.33 5.93
N GLU A 316 3.97 0.20 5.05
CA GLU A 316 3.51 -1.11 4.61
C GLU A 316 4.51 -1.76 3.63
N SER A 317 5.27 -0.94 2.91
CA SER A 317 6.37 -1.43 2.09
C SER A 317 7.37 -2.21 2.93
N PHE A 318 7.57 -1.84 4.20
CA PHE A 318 8.47 -2.58 5.08
C PHE A 318 7.80 -3.67 5.89
N LEU A 319 6.59 -3.41 6.38
CA LEU A 319 6.01 -4.24 7.43
C LEU A 319 4.86 -5.12 6.93
N GLY A 320 4.47 -4.95 5.69
CA GLY A 320 3.32 -5.65 5.16
C GLY A 320 2.04 -4.88 5.44
N ARG A 321 0.91 -5.57 5.29
CA ARG A 321 -0.38 -4.97 5.52
C ARG A 321 -0.55 -4.59 6.98
N ILE A 322 -0.99 -3.35 7.23
CA ILE A 322 -1.17 -2.84 8.58
C ILE A 322 -2.49 -2.09 8.78
N PHE A 323 -2.84 -1.24 7.82
CA PHE A 323 -3.91 -0.27 8.02
C PHE A 323 -5.14 -0.48 7.15
N ASP A 324 -6.29 -0.11 7.67
CA ASP A 324 -7.48 0.10 6.87
C ASP A 324 -7.89 1.58 6.97
N VAL A 325 -8.03 2.21 5.82
CA VAL A 325 -8.38 3.61 5.74
C VAL A 325 -9.78 3.78 5.18
N ASP A 326 -10.67 4.33 6.00
CA ASP A 326 -12.00 4.67 5.57
C ASP A 326 -12.11 6.20 5.36
N GLY A 327 -12.13 6.63 4.11
CA GLY A 327 -12.32 8.04 3.79
C GLY A 327 -11.39 8.47 2.69
N ASN A 328 -11.68 9.61 2.08
CA ASN A 328 -10.90 10.08 0.96
C ASN A 328 -9.96 11.21 1.36
N VAL A 329 -8.85 11.33 0.65
CA VAL A 329 -7.96 12.47 0.81
C VAL A 329 -8.75 13.78 0.78
N GLY A 330 -8.43 14.70 1.69
CA GLY A 330 -9.09 15.99 1.72
C GLY A 330 -10.38 15.98 2.54
N GLU A 331 -10.69 14.87 3.19
CA GLU A 331 -11.89 14.76 4.00
C GLU A 331 -11.54 14.09 5.29
N PRO A 332 -12.43 14.20 6.28
CA PRO A 332 -12.19 13.51 7.54
C PRO A 332 -12.21 12.01 7.32
N GLY A 333 -11.48 11.24 8.12
CA GLY A 333 -11.41 9.83 7.89
C GLY A 333 -11.07 9.04 9.11
N LYS A 334 -11.03 7.74 8.91
CA LYS A 334 -10.82 6.76 9.97
C LYS A 334 -9.71 5.78 9.56
N ILE A 335 -8.71 5.64 10.43
CA ILE A 335 -7.55 4.79 10.19
C ILE A 335 -7.48 3.80 11.30
N ARG A 336 -7.69 2.53 10.95
CA ARG A 336 -7.60 1.44 11.92
C ARG A 336 -6.36 0.62 11.67
N VAL A 337 -5.69 0.22 12.75
CA VAL A 337 -4.64 -0.74 12.60
C VAL A 337 -5.31 -2.13 12.63
N ILE A 338 -5.38 -2.76 11.47
CA ILE A 338 -6.04 -4.06 11.36
C ILE A 338 -5.04 -5.21 11.51
N ARG A 339 -3.77 -4.88 11.64
CA ARG A 339 -2.74 -5.86 11.93
C ARG A 339 -1.55 -5.16 12.58
N ARG A 340 -1.27 -5.53 13.82
CA ARG A 340 -0.18 -4.94 14.58
C ARG A 340 1.04 -5.83 14.41
N VAL A 341 2.21 -5.20 14.31
CA VAL A 341 3.46 -5.93 14.18
C VAL A 341 4.28 -5.77 15.45
N MET B 1 14.69 -30.28 -27.09
CA MET B 1 14.15 -29.14 -26.30
C MET B 1 13.28 -29.71 -25.19
N ILE B 2 12.80 -28.85 -24.31
CA ILE B 2 11.88 -29.30 -23.27
C ILE B 2 10.59 -29.77 -23.92
N THR B 3 10.14 -30.96 -23.54
CA THR B 3 8.89 -31.54 -24.01
C THR B 3 7.92 -31.71 -22.84
N ILE B 4 6.76 -31.04 -22.92
CA ILE B 4 5.79 -31.07 -21.87
C ILE B 4 4.62 -31.97 -22.28
N ASP B 5 4.27 -32.91 -21.41
CA ASP B 5 3.14 -33.78 -21.62
C ASP B 5 1.84 -33.15 -21.14
N GLY B 6 1.04 -32.70 -22.10
CA GLY B 6 -0.19 -32.03 -21.79
C GLY B 6 -1.28 -32.86 -21.19
N SER B 7 -1.02 -34.16 -21.01
CA SER B 7 -2.01 -35.04 -20.39
C SER B 7 -1.66 -35.30 -18.94
N TYR B 8 -0.57 -34.72 -18.48
CA TYR B 8 -0.15 -34.87 -17.09
C TYR B 8 -1.19 -34.29 -16.14
N GLY B 9 -1.45 -35.00 -15.04
CA GLY B 9 -2.30 -34.49 -13.98
C GLY B 9 -3.61 -33.84 -14.39
N GLU B 10 -3.77 -32.55 -14.09
CA GLU B 10 -4.97 -31.83 -14.45
C GLU B 10 -5.28 -31.91 -15.95
N GLY B 11 -4.23 -31.96 -16.77
CA GLY B 11 -4.37 -32.16 -18.20
C GLY B 11 -5.17 -31.11 -18.96
N GLY B 12 -5.17 -29.88 -18.48
CA GLY B 12 -5.89 -28.78 -19.10
C GLY B 12 -5.07 -27.70 -19.79
N GLY B 13 -5.72 -26.59 -20.10
CA GLY B 13 -5.10 -25.53 -20.88
C GLY B 13 -4.03 -24.76 -20.12
N GLN B 14 -4.05 -24.85 -18.80
CA GLN B 14 -3.03 -24.15 -18.01
C GLN B 14 -1.64 -24.71 -18.25
N ILE B 15 -1.54 -26.00 -18.53
CA ILE B 15 -0.24 -26.57 -18.92
C ILE B 15 0.34 -25.84 -20.12
N LEU B 16 -0.53 -25.62 -21.10
CA LEU B 16 -0.15 -24.93 -22.33
C LEU B 16 0.21 -23.48 -22.02
N ARG B 17 -0.62 -22.79 -21.25
CA ARG B 17 -0.40 -21.37 -20.97
C ARG B 17 0.92 -21.16 -20.23
N THR B 18 1.12 -21.93 -19.18
CA THR B 18 2.31 -21.78 -18.38
C THR B 18 3.56 -22.17 -19.16
N SER B 19 3.46 -23.22 -19.98
CA SER B 19 4.60 -23.64 -20.78
C SER B 19 5.06 -22.58 -21.76
N VAL B 20 4.12 -21.96 -22.46
CA VAL B 20 4.53 -20.98 -23.45
C VAL B 20 5.02 -19.70 -22.78
N ALA B 21 4.42 -19.32 -21.66
CA ALA B 21 4.88 -18.14 -20.95
C ALA B 21 6.31 -18.36 -20.41
N LEU B 22 6.55 -19.54 -19.85
CA LEU B 22 7.87 -19.86 -19.32
C LEU B 22 8.93 -19.94 -20.44
N SER B 23 8.55 -20.45 -21.58
CA SER B 23 9.46 -20.49 -22.71
C SER B 23 9.88 -19.08 -23.11
N THR B 24 8.91 -18.17 -23.10
CA THR B 24 9.13 -16.79 -23.47
C THR B 24 10.07 -16.12 -22.48
N ILE B 25 9.85 -16.38 -21.20
CA ILE B 25 10.61 -15.72 -20.17
C ILE B 25 12.05 -16.27 -20.13
N THR B 26 12.20 -17.58 -20.24
CA THR B 26 13.52 -18.20 -20.12
C THR B 26 14.31 -18.21 -21.41
N GLY B 27 13.63 -18.10 -22.56
CA GLY B 27 14.27 -18.25 -23.86
C GLY B 27 14.41 -19.71 -24.29
N GLU B 28 13.94 -20.64 -23.48
CA GLU B 28 14.09 -22.04 -23.82
C GLU B 28 12.93 -22.51 -24.71
N PRO B 29 13.25 -23.19 -25.82
CA PRO B 29 12.18 -23.72 -26.67
C PRO B 29 11.37 -24.81 -26.01
N VAL B 30 10.10 -24.95 -26.37
CA VAL B 30 9.24 -25.97 -25.80
C VAL B 30 8.37 -26.65 -26.86
N ARG B 31 8.15 -27.95 -26.68
CA ARG B 31 7.16 -28.73 -27.42
C ARG B 31 6.12 -29.18 -26.40
N ILE B 32 4.84 -28.87 -26.62
CA ILE B 32 3.80 -29.42 -25.78
C ILE B 32 3.02 -30.40 -26.61
N VAL B 33 2.88 -31.62 -26.10
CA VAL B 33 2.09 -32.66 -26.75
C VAL B 33 0.84 -32.96 -25.94
N ASN B 34 -0.12 -33.68 -26.53
CA ASN B 34 -1.34 -34.08 -25.85
C ASN B 34 -2.08 -32.89 -25.20
N ILE B 35 -2.10 -31.76 -25.92
CA ILE B 35 -2.72 -30.55 -25.42
C ILE B 35 -4.18 -30.77 -25.05
N ARG B 36 -4.49 -30.41 -23.82
CA ARG B 36 -5.84 -30.48 -23.27
C ARG B 36 -6.47 -31.88 -23.43
N ALA B 37 -5.64 -32.90 -23.24
CA ALA B 37 -6.12 -34.27 -23.30
C ALA B 37 -7.21 -34.55 -22.26
N ASN B 38 -7.18 -33.84 -21.13
CA ASN B 38 -8.18 -34.08 -20.11
C ASN B 38 -9.36 -33.11 -20.15
N ARG B 39 -9.73 -32.73 -21.37
CA ARG B 39 -10.89 -31.89 -21.59
C ARG B 39 -11.74 -32.50 -22.69
N PRO B 40 -13.01 -32.10 -22.78
CA PRO B 40 -13.92 -32.81 -23.70
C PRO B 40 -13.65 -32.54 -25.18
N ASN B 41 -13.03 -31.40 -25.46
CA ASN B 41 -12.68 -30.97 -26.82
C ASN B 41 -11.18 -30.68 -26.93
N PRO B 42 -10.36 -31.73 -26.94
CA PRO B 42 -8.89 -31.60 -26.87
C PRO B 42 -8.25 -30.72 -27.94
N GLY B 43 -7.04 -30.26 -27.65
CA GLY B 43 -6.32 -29.37 -28.53
C GLY B 43 -6.56 -27.91 -28.22
N LEU B 44 -5.90 -27.07 -29.02
CA LEU B 44 -5.99 -25.63 -28.84
C LEU B 44 -7.39 -25.12 -29.14
N ARG B 45 -7.88 -24.25 -28.28
CA ARG B 45 -9.10 -23.50 -28.52
C ARG B 45 -8.74 -22.12 -28.99
N PRO B 46 -9.72 -21.32 -29.44
CA PRO B 46 -9.35 -19.96 -29.82
C PRO B 46 -8.57 -19.19 -28.74
N GLN B 47 -8.99 -19.34 -27.48
CA GLN B 47 -8.31 -18.71 -26.36
C GLN B 47 -6.81 -19.02 -26.36
N HIS B 48 -6.46 -20.30 -26.47
CA HIS B 48 -5.07 -20.74 -26.40
C HIS B 48 -4.28 -20.30 -27.62
N LEU B 49 -4.89 -20.37 -28.78
CA LEU B 49 -4.21 -19.98 -30.01
C LEU B 49 -3.84 -18.52 -29.94
N HIS B 50 -4.78 -17.69 -29.48
CA HIS B 50 -4.48 -16.28 -29.39
C HIS B 50 -3.43 -15.94 -28.35
N ALA B 51 -3.40 -16.68 -27.25
CA ALA B 51 -2.34 -16.46 -26.29
C ALA B 51 -1.01 -16.79 -26.96
N ILE B 52 -0.96 -17.91 -27.67
CA ILE B 52 0.27 -18.32 -28.35
C ILE B 52 0.71 -17.27 -29.36
N LEU B 53 -0.24 -16.76 -30.15
CA LEU B 53 0.12 -15.79 -31.19
C LEU B 53 0.63 -14.50 -30.59
N ALA B 54 0.06 -14.08 -29.46
CA ALA B 54 0.51 -12.87 -28.79
C ALA B 54 1.91 -13.06 -28.19
N LEU B 55 2.16 -14.20 -27.53
CA LEU B 55 3.49 -14.48 -27.02
C LEU B 55 4.52 -14.61 -28.16
N LYS B 56 4.11 -15.19 -29.28
CA LYS B 56 4.98 -15.31 -30.46
C LYS B 56 5.40 -13.94 -30.95
N HIS B 57 4.46 -13.00 -30.91
CA HIS B 57 4.74 -11.62 -31.30
C HIS B 57 5.74 -10.97 -30.35
N LEU B 58 5.52 -11.09 -29.05
CA LEU B 58 6.42 -10.52 -28.05
C LEU B 58 7.83 -11.12 -28.10
N ALA B 59 7.92 -12.39 -28.44
CA ALA B 59 9.20 -13.08 -28.39
C ALA B 59 9.76 -13.32 -29.78
N ASN B 60 9.11 -12.77 -30.80
CA ASN B 60 9.51 -13.04 -32.17
C ASN B 60 9.75 -14.52 -32.44
N ALA B 61 8.80 -15.36 -32.05
CA ALA B 61 9.05 -16.81 -32.04
C ALA B 61 8.74 -17.47 -33.36
N GLU B 62 9.34 -18.64 -33.52
CA GLU B 62 8.97 -19.58 -34.56
C GLU B 62 8.02 -20.58 -33.91
N VAL B 63 6.88 -20.82 -34.56
CA VAL B 63 5.92 -21.76 -34.01
C VAL B 63 5.49 -22.80 -35.04
N LYS B 64 5.15 -24.00 -34.55
CA LYS B 64 4.54 -25.04 -35.37
C LYS B 64 3.37 -25.64 -34.63
N GLY B 65 2.31 -25.93 -35.38
CA GLY B 65 1.15 -26.56 -34.83
C GLY B 65 0.22 -25.56 -34.18
N ALA B 66 0.31 -24.29 -34.58
CA ALA B 66 -0.54 -23.26 -33.99
C ALA B 66 -1.85 -23.08 -34.77
N HIS B 67 -2.80 -23.96 -34.56
CA HIS B 67 -4.11 -23.82 -35.17
C HIS B 67 -5.14 -24.43 -34.24
N VAL B 68 -6.37 -23.96 -34.35
CA VAL B 68 -7.44 -24.49 -33.51
C VAL B 68 -7.58 -26.00 -33.71
N GLY B 69 -7.66 -26.75 -32.62
CA GLY B 69 -7.76 -28.19 -32.69
C GLY B 69 -6.44 -28.96 -32.58
N SER B 70 -5.33 -28.26 -32.81
CA SER B 70 -4.03 -28.88 -32.74
C SER B 70 -3.71 -29.43 -31.35
N ARG B 71 -3.12 -30.61 -31.31
CA ARG B 71 -2.85 -31.27 -30.05
C ARG B 71 -1.36 -31.21 -29.75
N GLU B 72 -0.63 -30.50 -30.59
CA GLU B 72 0.79 -30.41 -30.41
C GLU B 72 1.35 -29.05 -30.87
N LEU B 73 2.16 -28.44 -30.04
CA LEU B 73 2.74 -27.14 -30.37
C LEU B 73 4.25 -27.16 -30.16
N VAL B 74 4.98 -26.62 -31.13
CA VAL B 74 6.38 -26.25 -30.92
C VAL B 74 6.55 -24.73 -30.93
N PHE B 75 7.28 -24.23 -29.94
CA PHE B 75 7.37 -22.79 -29.72
C PHE B 75 8.83 -22.46 -29.40
N ILE B 76 9.46 -21.68 -30.28
CA ILE B 76 10.88 -21.43 -30.22
C ILE B 76 11.05 -19.93 -30.21
N PRO B 77 11.21 -19.36 -29.00
CA PRO B 77 11.30 -17.92 -28.81
C PRO B 77 12.68 -17.38 -29.14
N LYS B 78 12.69 -16.12 -29.53
CA LYS B 78 13.92 -15.34 -29.63
C LYS B 78 13.81 -14.35 -28.46
N LYS B 79 14.22 -13.11 -28.66
CA LYS B 79 14.27 -12.16 -27.55
C LYS B 79 12.88 -11.65 -27.14
N LEU B 80 12.61 -11.63 -25.84
CA LEU B 80 11.38 -11.04 -25.35
C LEU B 80 11.47 -9.51 -25.42
N GLU B 81 10.57 -8.89 -26.17
CA GLU B 81 10.48 -7.44 -26.29
C GLU B 81 9.09 -6.93 -25.99
N ALA B 82 9.01 -5.71 -25.50
CA ALA B 82 7.75 -5.09 -25.22
C ALA B 82 7.14 -4.58 -26.53
N LYS B 83 5.93 -5.05 -26.83
CA LYS B 83 5.17 -4.58 -27.98
C LYS B 83 3.71 -4.53 -27.56
N GLU B 84 2.97 -3.64 -28.18
CA GLU B 84 1.57 -3.49 -27.85
C GLU B 84 0.81 -4.71 -28.33
N ILE B 85 -0.14 -5.12 -27.51
CA ILE B 85 -0.93 -6.32 -27.76
C ILE B 85 -2.35 -5.93 -28.12
N SER B 86 -2.82 -6.49 -29.23
CA SER B 86 -4.17 -6.27 -29.67
C SER B 86 -4.72 -7.59 -30.18
N ILE B 87 -5.70 -8.11 -29.49
CA ILE B 87 -6.18 -9.45 -29.74
C ILE B 87 -7.69 -9.49 -29.93
N ASP B 88 -8.15 -10.17 -30.97
CA ASP B 88 -9.59 -10.43 -31.13
C ASP B 88 -9.83 -11.92 -31.15
N ILE B 89 -10.33 -12.46 -30.04
CA ILE B 89 -10.47 -13.91 -29.94
C ILE B 89 -11.56 -14.43 -30.88
N GLY B 90 -12.58 -13.63 -31.18
CA GLY B 90 -13.56 -14.03 -32.17
C GLY B 90 -14.79 -14.76 -31.64
N THR B 91 -14.58 -15.63 -30.66
CA THR B 91 -15.64 -16.33 -29.96
C THR B 91 -15.78 -15.71 -28.58
N ALA B 92 -16.40 -16.42 -27.66
CA ALA B 92 -16.43 -15.96 -26.27
C ALA B 92 -15.26 -16.49 -25.46
N GLY B 93 -14.19 -16.90 -26.14
CA GLY B 93 -12.97 -17.37 -25.45
C GLY B 93 -12.55 -16.46 -24.32
N SER B 94 -12.02 -17.06 -23.25
CA SER B 94 -11.75 -16.37 -22.01
C SER B 94 -10.61 -15.36 -22.10
N ILE B 95 -10.96 -14.08 -22.01
CA ILE B 95 -9.98 -13.02 -21.89
C ILE B 95 -9.11 -13.20 -20.66
N THR B 96 -9.69 -13.60 -19.52
CA THR B 96 -8.89 -13.77 -18.31
C THR B 96 -7.83 -14.86 -18.45
N LEU B 97 -8.13 -15.92 -19.19
CA LEU B 97 -7.14 -16.95 -19.38
C LEU B 97 -6.08 -16.56 -20.42
N VAL B 98 -6.46 -15.81 -21.44
CA VAL B 98 -5.42 -15.25 -22.32
C VAL B 98 -4.44 -14.41 -21.46
N LEU B 99 -4.99 -13.59 -20.58
CA LEU B 99 -4.17 -12.79 -19.66
C LEU B 99 -3.35 -13.65 -18.71
N GLN B 100 -3.89 -14.77 -18.30
CA GLN B 100 -3.12 -15.69 -17.49
C GLN B 100 -1.91 -16.19 -18.28
N ALA B 101 -2.03 -16.37 -19.59
CA ALA B 101 -0.83 -16.78 -20.35
C ALA B 101 0.16 -15.61 -20.49
N LEU B 102 -0.39 -14.42 -20.65
CA LEU B 102 0.39 -13.23 -21.06
C LEU B 102 1.05 -12.49 -19.93
N LEU B 103 0.36 -12.36 -18.81
CA LEU B 103 0.83 -11.52 -17.72
C LEU B 103 2.26 -11.86 -17.29
N PRO B 104 2.56 -13.15 -17.10
CA PRO B 104 3.92 -13.46 -16.66
C PRO B 104 4.97 -13.04 -17.68
N ALA B 105 4.69 -13.20 -18.97
CA ALA B 105 5.64 -12.81 -19.98
C ALA B 105 5.75 -11.29 -20.07
N MET B 106 4.60 -10.63 -20.00
CA MET B 106 4.55 -9.19 -20.20
C MET B 106 5.34 -8.45 -19.12
N VAL B 107 5.36 -8.94 -17.88
CA VAL B 107 6.05 -8.22 -16.83
C VAL B 107 7.57 -8.38 -16.91
N PHE B 108 8.03 -9.30 -17.76
CA PHE B 108 9.46 -9.51 -17.97
C PHE B 108 9.99 -8.82 -19.23
N ALA B 109 9.15 -8.03 -19.88
CA ALA B 109 9.52 -7.42 -21.16
C ALA B 109 10.36 -6.13 -21.06
N ARG B 110 10.49 -5.58 -19.87
CA ARG B 110 11.48 -4.51 -19.63
C ARG B 110 11.01 -3.10 -19.98
N GLU B 111 9.93 -2.96 -20.74
CA GLU B 111 9.16 -1.72 -20.80
C GLU B 111 7.67 -2.05 -20.61
N LYS B 112 6.88 -1.02 -20.38
CA LYS B 112 5.43 -1.13 -20.26
C LYS B 112 4.80 -1.81 -21.48
N VAL B 113 3.88 -2.73 -21.21
CA VAL B 113 3.08 -3.35 -22.26
C VAL B 113 1.60 -3.05 -22.08
N LYS B 114 1.02 -2.46 -23.11
CA LYS B 114 -0.41 -2.20 -23.17
C LYS B 114 -1.10 -3.30 -23.96
N PHE B 115 -2.31 -3.61 -23.55
CA PHE B 115 -3.10 -4.61 -24.23
C PHE B 115 -4.54 -4.21 -24.39
N ARG B 116 -5.12 -4.69 -25.48
CA ARG B 116 -6.56 -4.67 -25.64
C ARG B 116 -6.96 -6.06 -26.16
N ILE B 117 -7.98 -6.64 -25.53
CA ILE B 117 -8.40 -7.97 -25.87
C ILE B 117 -9.92 -8.06 -25.96
N THR B 118 -10.39 -8.68 -27.04
CA THR B 118 -11.82 -8.90 -27.27
C THR B 118 -12.15 -10.40 -27.19
N GLY B 119 -13.26 -10.72 -26.53
CA GLY B 119 -13.64 -12.10 -26.28
C GLY B 119 -14.65 -12.14 -25.14
N GLY B 120 -14.59 -13.21 -24.37
CA GLY B 120 -15.45 -13.39 -23.23
C GLY B 120 -14.85 -12.85 -21.93
N THR B 121 -15.59 -12.03 -21.21
CA THR B 121 -15.16 -11.53 -19.92
C THR B 121 -15.65 -12.39 -18.77
N ASP B 122 -16.78 -13.07 -19.00
CA ASP B 122 -17.53 -13.75 -17.96
C ASP B 122 -18.15 -15.04 -18.49
N VAL B 123 -17.35 -16.10 -18.50
CA VAL B 123 -17.65 -17.33 -19.18
C VAL B 123 -17.24 -18.49 -18.31
N SER B 124 -17.84 -19.65 -18.53
CA SER B 124 -17.64 -20.82 -17.67
C SER B 124 -16.20 -21.32 -17.62
N TRP B 125 -15.85 -21.85 -16.44
CA TRP B 125 -14.61 -22.57 -16.19
C TRP B 125 -13.40 -21.66 -16.32
N SER B 126 -13.56 -20.38 -16.00
CA SER B 126 -12.46 -19.45 -16.04
C SER B 126 -12.72 -18.34 -15.03
N PRO B 127 -11.69 -17.58 -14.66
CA PRO B 127 -11.96 -16.47 -13.76
C PRO B 127 -12.87 -15.42 -14.40
N PRO B 128 -13.90 -14.95 -13.70
CA PRO B 128 -14.56 -13.74 -14.19
C PRO B 128 -13.59 -12.56 -14.17
N VAL B 129 -13.76 -11.60 -15.08
CA VAL B 129 -12.83 -10.50 -15.15
C VAL B 129 -12.73 -9.71 -13.84
N ASP B 130 -13.84 -9.53 -13.13
CA ASP B 130 -13.81 -8.80 -11.87
C ASP B 130 -13.01 -9.51 -10.78
N TYR B 131 -12.83 -10.83 -10.94
CA TYR B 131 -12.02 -11.60 -10.00
C TYR B 131 -10.56 -11.33 -10.35
N LEU B 132 -10.23 -11.43 -11.62
CA LEU B 132 -8.85 -11.15 -12.03
C LEU B 132 -8.39 -9.76 -11.57
N SER B 133 -9.24 -8.75 -11.75
CA SER B 133 -8.81 -7.39 -11.47
C SER B 133 -8.89 -7.02 -10.00
N ASN B 134 -9.76 -7.66 -9.22
CA ASN B 134 -9.89 -7.30 -7.81
C ASN B 134 -9.27 -8.26 -6.80
N VAL B 135 -9.03 -9.48 -7.24
CA VAL B 135 -8.46 -10.49 -6.37
C VAL B 135 -7.05 -10.86 -6.82
N THR B 136 -6.91 -11.34 -8.05
CA THR B 136 -5.59 -11.76 -8.53
C THR B 136 -4.62 -10.56 -8.60
N LEU B 137 -5.05 -9.49 -9.23
CA LEU B 137 -4.20 -8.32 -9.39
C LEU B 137 -3.82 -7.73 -8.04
N PHE B 138 -4.74 -7.79 -7.09
CA PHE B 138 -4.46 -7.29 -5.77
C PHE B 138 -3.26 -8.04 -5.18
N ALA B 139 -3.27 -9.35 -5.32
CA ALA B 139 -2.18 -10.17 -4.82
C ALA B 139 -0.88 -9.91 -5.59
N LEU B 140 -0.98 -9.77 -6.91
CA LEU B 140 0.20 -9.52 -7.72
C LEU B 140 0.86 -8.19 -7.31
N GLU B 141 0.04 -7.23 -6.91
CA GLU B 141 0.60 -5.94 -6.48
C GLU B 141 1.46 -6.14 -5.23
N LYS B 142 1.09 -7.10 -4.38
CA LYS B 142 1.86 -7.34 -3.17
C LYS B 142 3.28 -7.81 -3.48
N ILE B 143 3.49 -8.45 -4.64
CA ILE B 143 4.82 -8.97 -4.98
C ILE B 143 5.56 -8.05 -5.95
N GLY B 144 4.94 -6.92 -6.25
CA GLY B 144 5.60 -5.83 -6.97
C GLY B 144 5.16 -5.62 -8.40
N ILE B 145 4.12 -6.31 -8.83
CA ILE B 145 3.62 -6.14 -10.18
C ILE B 145 2.59 -5.00 -10.20
N HIS B 146 2.75 -4.08 -11.14
CA HIS B 146 1.82 -2.96 -11.31
C HIS B 146 1.22 -2.95 -12.70
N GLY B 147 -0.08 -2.75 -12.72
CA GLY B 147 -0.83 -2.81 -13.95
C GLY B 147 -2.27 -2.45 -13.71
N GLU B 148 -3.04 -2.45 -14.79
CA GLU B 148 -4.45 -2.14 -14.75
C GLU B 148 -5.18 -3.07 -15.72
N ILE B 149 -6.37 -3.49 -15.32
CA ILE B 149 -7.22 -4.34 -16.15
C ILE B 149 -8.60 -3.73 -16.03
N ARG B 150 -9.09 -3.14 -17.13
CA ARG B 150 -10.37 -2.44 -17.17
C ARG B 150 -11.31 -3.07 -18.19
N VAL B 151 -12.56 -3.25 -17.76
CA VAL B 151 -13.61 -3.74 -18.65
C VAL B 151 -14.26 -2.59 -19.39
N ILE B 152 -14.15 -2.59 -20.70
CA ILE B 152 -14.81 -1.60 -21.56
C ILE B 152 -16.21 -2.12 -21.94
N ARG B 153 -16.31 -3.43 -22.13
CA ARG B 153 -17.58 -4.04 -22.52
C ARG B 153 -17.60 -5.50 -22.08
N ARG B 154 -18.74 -5.94 -21.56
CA ARG B 154 -18.91 -7.32 -21.14
C ARG B 154 -19.06 -8.24 -22.35
N GLY B 155 -18.64 -9.47 -22.19
CA GLY B 155 -18.78 -10.47 -23.22
C GLY B 155 -19.11 -11.81 -22.59
N HIS B 156 -20.18 -12.45 -23.07
CA HIS B 156 -20.61 -13.72 -22.51
C HIS B 156 -20.69 -14.80 -23.56
N TYR B 157 -20.77 -16.05 -23.10
CA TYR B 157 -21.01 -17.17 -23.98
C TYR B 157 -22.49 -17.08 -24.45
N PRO B 158 -22.77 -17.27 -25.74
CA PRO B 158 -21.82 -17.72 -26.77
C PRO B 158 -21.14 -16.71 -27.69
N LYS B 159 -21.60 -15.46 -27.75
CA LYS B 159 -21.13 -14.56 -28.81
C LYS B 159 -19.87 -13.75 -28.47
N GLY B 160 -19.57 -13.63 -27.20
CA GLY B 160 -18.42 -12.84 -26.78
C GLY B 160 -18.66 -11.36 -27.01
N GLY B 161 -17.71 -10.71 -27.66
CA GLY B 161 -17.80 -9.27 -27.92
C GLY B 161 -17.42 -8.40 -26.74
N GLY B 162 -16.94 -9.01 -25.66
CA GLY B 162 -16.42 -8.26 -24.53
C GLY B 162 -15.11 -7.63 -24.91
N ILE B 163 -14.73 -6.59 -24.17
CA ILE B 163 -13.50 -5.83 -24.44
C ILE B 163 -12.83 -5.43 -23.13
N VAL B 164 -11.55 -5.79 -23.01
CA VAL B 164 -10.76 -5.48 -21.83
C VAL B 164 -9.50 -4.76 -22.30
N GLU B 165 -9.11 -3.70 -21.60
CA GLU B 165 -7.89 -2.96 -21.88
C GLU B 165 -7.12 -2.79 -20.59
N GLY B 166 -5.81 -2.63 -20.72
CA GLY B 166 -4.98 -2.36 -19.57
C GLY B 166 -3.53 -2.33 -19.97
N TYR B 167 -2.68 -2.56 -18.98
CA TYR B 167 -1.24 -2.58 -19.17
C TYR B 167 -0.59 -3.17 -17.93
N VAL B 168 0.66 -3.57 -18.07
CA VAL B 168 1.49 -3.85 -16.94
C VAL B 168 2.80 -3.11 -17.13
N GLU B 169 3.42 -2.80 -16.00
CA GLU B 169 4.77 -2.25 -15.95
C GLU B 169 5.78 -3.37 -15.77
N PRO B 170 7.04 -3.12 -16.14
CA PRO B 170 8.06 -4.14 -15.93
C PRO B 170 8.23 -4.44 -14.44
N TRP B 171 8.48 -5.70 -14.13
CA TRP B 171 8.58 -6.16 -12.76
C TRP B 171 10.02 -5.94 -12.26
N ASN B 172 10.36 -4.69 -11.96
CA ASN B 172 11.72 -4.35 -11.51
C ASN B 172 11.96 -4.70 -10.04
N GLU B 173 10.97 -4.44 -9.19
CA GLU B 173 11.04 -4.69 -7.74
C GLU B 173 10.19 -5.90 -7.37
N LYS B 174 10.82 -7.05 -7.20
CA LYS B 174 10.09 -8.21 -6.74
C LYS B 174 10.13 -8.28 -5.21
N ARG B 175 8.99 -8.59 -4.59
CA ARG B 175 8.88 -8.74 -3.14
C ARG B 175 8.30 -10.12 -2.88
N GLU B 176 8.87 -10.86 -1.93
CA GLU B 176 8.32 -12.15 -1.61
C GLU B 176 6.94 -12.01 -0.97
N LEU B 177 6.14 -13.03 -1.18
CA LEU B 177 4.83 -13.11 -0.56
C LEU B 177 4.84 -14.13 0.55
N VAL B 178 4.55 -13.67 1.76
CA VAL B 178 4.40 -14.53 2.93
C VAL B 178 2.97 -14.41 3.41
N ALA B 179 2.16 -15.41 3.10
CA ALA B 179 0.73 -15.30 3.36
C ALA B 179 0.24 -16.65 3.85
N LYS B 180 0.19 -16.77 5.17
CA LYS B 180 -0.15 -18.00 5.83
C LYS B 180 -1.64 -18.03 6.25
N GLU B 181 -1.93 -17.55 7.45
CA GLU B 181 -3.28 -17.46 7.98
C GLU B 181 -3.71 -16.00 8.02
N TYR B 182 -4.99 -15.75 7.77
CA TYR B 182 -5.54 -14.43 8.00
C TYR B 182 -6.11 -14.47 9.43
N SER B 183 -6.13 -13.33 10.09
CA SER B 183 -6.63 -13.32 11.45
C SER B 183 -7.83 -12.38 11.57
N ARG B 184 -8.13 -11.63 10.52
CA ARG B 184 -9.23 -10.68 10.56
C ARG B 184 -9.87 -10.46 9.17
N ILE B 185 -11.20 -10.48 9.12
CA ILE B 185 -11.93 -10.02 7.95
C ILE B 185 -12.38 -8.59 8.17
N ILE B 186 -12.01 -7.70 7.26
CA ILE B 186 -12.31 -6.29 7.43
C ILE B 186 -13.66 -5.96 6.87
N LYS B 187 -13.91 -6.43 5.65
CA LYS B 187 -15.14 -6.11 4.93
C LYS B 187 -15.26 -6.98 3.70
N ILE B 188 -16.46 -6.98 3.14
CA ILE B 188 -16.77 -7.72 1.93
C ILE B 188 -17.10 -6.71 0.88
N GLU B 189 -16.49 -6.86 -0.29
CA GLU B 189 -16.89 -6.08 -1.44
C GLU B 189 -17.29 -6.98 -2.61
N GLY B 190 -17.91 -6.40 -3.62
CA GLY B 190 -18.34 -7.21 -4.73
C GLY B 190 -18.82 -6.41 -5.89
N ILE B 191 -18.96 -7.08 -7.02
CA ILE B 191 -19.50 -6.49 -8.22
C ILE B 191 -20.49 -7.48 -8.85
N SER B 192 -21.73 -7.00 -9.01
CA SER B 192 -22.81 -7.75 -9.62
C SER B 192 -23.20 -7.09 -10.92
N HIS B 193 -22.99 -7.80 -12.03
CA HIS B 193 -23.35 -7.22 -13.32
C HIS B 193 -24.51 -7.95 -14.01
N ALA B 194 -25.18 -7.20 -14.87
CA ALA B 194 -26.22 -7.72 -15.75
C ALA B 194 -26.15 -6.99 -17.10
N THR B 195 -26.09 -7.77 -18.17
CA THR B 195 -25.87 -7.23 -19.50
C THR B 195 -27.01 -7.65 -20.42
N ASN B 196 -27.53 -6.70 -21.19
CA ASN B 196 -28.78 -6.89 -21.95
C ASN B 196 -29.85 -7.62 -21.14
N LEU B 197 -29.99 -7.27 -19.89
CA LEU B 197 -30.94 -7.89 -18.99
C LEU B 197 -31.50 -6.81 -18.06
N PRO B 198 -32.67 -7.07 -17.44
CA PRO B 198 -33.26 -6.09 -16.52
C PRO B 198 -32.36 -5.80 -15.32
N SER B 199 -32.38 -4.57 -14.85
CA SER B 199 -31.47 -4.18 -13.77
C SER B 199 -31.74 -4.96 -12.51
N HIS B 200 -32.98 -5.45 -12.34
CA HIS B 200 -33.29 -6.23 -11.14
C HIS B 200 -32.49 -7.54 -11.06
N VAL B 201 -31.97 -8.01 -12.19
CA VAL B 201 -31.14 -9.20 -12.17
C VAL B 201 -29.87 -8.90 -11.33
N ALA B 202 -29.25 -7.76 -11.56
CA ALA B 202 -28.02 -7.43 -10.83
C ALA B 202 -28.31 -7.13 -9.37
N GLU B 203 -29.41 -6.44 -9.13
CA GLU B 203 -29.79 -6.09 -7.78
C GLU B 203 -30.12 -7.34 -6.96
N ARG B 204 -30.85 -8.26 -7.57
CA ARG B 204 -31.23 -9.48 -6.86
C ARG B 204 -30.04 -10.40 -6.58
N GLN B 205 -29.10 -10.51 -7.52
CA GLN B 205 -27.85 -11.23 -7.24
C GLN B 205 -27.16 -10.61 -6.00
N ALA B 206 -27.05 -9.29 -5.99
CA ALA B 206 -26.33 -8.59 -4.92
C ALA B 206 -27.00 -8.81 -3.57
N ARG B 207 -28.32 -8.73 -3.55
CA ARG B 207 -29.10 -8.87 -2.31
C ARG B 207 -29.01 -10.28 -1.74
N ALA B 208 -29.10 -11.29 -2.58
CA ALA B 208 -28.99 -12.64 -2.09
C ALA B 208 -27.56 -12.95 -1.60
N ALA B 209 -26.54 -12.43 -2.28
CA ALA B 209 -25.18 -12.62 -1.78
C ALA B 209 -25.05 -11.94 -0.43
N LYS B 210 -25.46 -10.69 -0.36
CA LYS B 210 -25.36 -9.96 0.92
C LYS B 210 -26.05 -10.70 2.06
N ASP B 211 -27.30 -11.12 1.83
CA ASP B 211 -28.04 -11.87 2.85
C ASP B 211 -27.25 -13.06 3.36
N GLU B 212 -26.55 -13.76 2.47
CA GLU B 212 -25.82 -14.97 2.89
C GLU B 212 -24.55 -14.66 3.68
N LEU B 213 -24.06 -13.44 3.53
CA LEU B 213 -22.79 -13.04 4.14
C LEU B 213 -22.96 -12.23 5.44
N LEU B 214 -24.20 -11.91 5.81
CA LEU B 214 -24.45 -11.11 7.02
C LEU B 214 -23.87 -11.79 8.24
N GLN B 215 -23.87 -13.12 8.24
CA GLN B 215 -23.33 -13.90 9.35
C GLN B 215 -21.87 -13.60 9.66
N LEU B 216 -21.14 -12.93 8.77
CA LEU B 216 -19.73 -12.62 9.02
C LEU B 216 -19.58 -11.38 9.91
N LYS B 217 -20.64 -10.58 10.04
CA LYS B 217 -20.64 -9.44 10.94
C LYS B 217 -19.59 -8.41 10.51
N VAL B 218 -19.48 -8.18 9.21
CA VAL B 218 -18.62 -7.13 8.71
C VAL B 218 -19.39 -6.34 7.68
N PRO B 219 -18.94 -5.11 7.39
CA PRO B 219 -19.62 -4.37 6.33
C PRO B 219 -19.56 -5.10 4.98
N ILE B 220 -20.64 -4.97 4.21
CA ILE B 220 -20.76 -5.58 2.90
C ILE B 220 -21.22 -4.53 1.91
N GLU B 221 -20.44 -4.33 0.85
CA GLU B 221 -20.79 -3.39 -0.21
C GLU B 221 -20.59 -4.03 -1.59
N ILE B 222 -21.71 -4.41 -2.20
CA ILE B 222 -21.71 -4.96 -3.54
C ILE B 222 -22.31 -3.98 -4.52
N ARG B 223 -21.50 -3.52 -5.45
CA ARG B 223 -21.96 -2.57 -6.45
C ARG B 223 -22.67 -3.31 -7.59
N THR B 224 -23.62 -2.63 -8.23
CA THR B 224 -24.31 -3.20 -9.38
C THR B 224 -23.86 -2.49 -10.63
N GLU B 225 -23.74 -3.26 -11.72
CA GLU B 225 -23.39 -2.71 -13.03
C GLU B 225 -24.39 -3.21 -14.08
N ILE B 226 -25.10 -2.27 -14.70
CA ILE B 226 -26.03 -2.57 -15.77
C ILE B 226 -25.39 -2.12 -17.05
N SER B 227 -25.30 -3.00 -18.05
CA SER B 227 -24.59 -2.60 -19.26
C SER B 227 -25.18 -3.24 -20.51
N ARG B 228 -24.62 -2.88 -21.65
CA ARG B 228 -25.07 -3.36 -22.92
C ARG B 228 -23.92 -3.98 -23.68
N SER B 229 -24.22 -5.01 -24.45
CA SER B 229 -23.26 -5.66 -25.32
C SER B 229 -24.07 -6.38 -26.41
N ILE B 230 -23.50 -7.42 -26.99
CA ILE B 230 -24.10 -8.04 -28.13
C ILE B 230 -24.98 -9.24 -27.77
N GLY B 231 -25.09 -9.52 -26.48
CA GLY B 231 -25.93 -10.60 -26.00
C GLY B 231 -26.10 -10.48 -24.50
N PRO B 232 -26.94 -11.33 -23.92
CA PRO B 232 -27.25 -11.26 -22.50
C PRO B 232 -26.27 -12.05 -21.61
N GLY B 233 -26.16 -11.64 -20.34
CA GLY B 233 -25.34 -12.37 -19.40
C GLY B 233 -25.32 -11.65 -18.06
N SER B 234 -25.04 -12.39 -17.02
CA SER B 234 -24.92 -11.80 -15.72
C SER B 234 -23.93 -12.59 -14.93
N GLY B 235 -23.47 -12.00 -13.84
CA GLY B 235 -22.62 -12.70 -12.90
C GLY B 235 -22.29 -11.81 -11.72
N ILE B 236 -21.62 -12.40 -10.73
CA ILE B 236 -21.28 -11.68 -9.51
C ILE B 236 -20.01 -12.25 -8.88
N VAL B 237 -19.18 -11.34 -8.41
CA VAL B 237 -17.96 -11.68 -7.69
C VAL B 237 -18.01 -10.94 -6.37
N VAL B 238 -17.70 -11.65 -5.30
CA VAL B 238 -17.56 -11.06 -4.00
C VAL B 238 -16.22 -11.46 -3.44
N TRP B 239 -15.62 -10.60 -2.62
CA TRP B 239 -14.35 -10.93 -1.98
C TRP B 239 -14.31 -10.38 -0.55
N ALA B 240 -13.60 -11.11 0.31
CA ALA B 240 -13.33 -10.70 1.66
C ALA B 240 -11.99 -10.02 1.67
N GLU B 241 -11.98 -8.78 2.13
CA GLU B 241 -10.75 -8.06 2.41
C GLU B 241 -10.27 -8.48 3.80
N THR B 242 -9.10 -9.09 3.90
CA THR B 242 -8.58 -9.53 5.18
C THR B 242 -7.31 -8.75 5.53
N ASP B 243 -6.69 -9.12 6.65
CA ASP B 243 -5.42 -8.52 7.03
C ASP B 243 -4.24 -9.10 6.25
N CYS B 244 -4.49 -10.03 5.33
CA CYS B 244 -3.44 -10.49 4.42
CA CYS B 244 -3.45 -10.49 4.42
C CYS B 244 -3.85 -10.28 2.95
N LEU B 245 -4.53 -11.23 2.34
CA LEU B 245 -4.98 -11.05 0.95
C LEU B 245 -6.52 -11.05 0.82
N ARG B 246 -7.03 -10.75 -0.37
CA ARG B 246 -8.43 -10.95 -0.69
C ARG B 246 -8.71 -12.40 -1.10
N LEU B 247 -9.76 -13.00 -0.53
CA LEU B 247 -10.31 -14.26 -0.99
C LEU B 247 -11.61 -14.00 -1.74
N GLY B 248 -11.83 -14.77 -2.80
CA GLY B 248 -12.95 -14.50 -3.71
C GLY B 248 -13.97 -15.61 -3.77
N GLY B 249 -15.19 -15.27 -4.18
CA GLY B 249 -16.20 -16.25 -4.53
C GLY B 249 -16.96 -15.65 -5.69
N ASP B 250 -17.39 -16.47 -6.64
CA ASP B 250 -18.13 -15.95 -7.78
C ASP B 250 -19.14 -16.94 -8.36
N ALA B 251 -20.02 -16.45 -9.22
CA ALA B 251 -20.99 -17.28 -9.92
C ALA B 251 -21.50 -16.55 -11.15
N LEU B 252 -21.95 -17.33 -12.13
CA LEU B 252 -22.45 -16.81 -13.37
C LEU B 252 -23.93 -17.05 -13.53
N GLY B 253 -24.61 -16.13 -14.20
CA GLY B 253 -25.99 -16.36 -14.59
C GLY B 253 -26.07 -17.26 -15.81
N LYS B 254 -27.25 -17.81 -16.02
CA LYS B 254 -27.63 -18.43 -17.30
C LYS B 254 -29.13 -18.39 -17.39
N LYS B 255 -29.65 -18.55 -18.60
CA LYS B 255 -31.08 -18.48 -18.83
C LYS B 255 -31.83 -19.46 -17.90
N GLY B 256 -32.81 -18.96 -17.17
CA GLY B 256 -33.55 -19.78 -16.22
C GLY B 256 -32.95 -20.03 -14.85
N LYS B 257 -31.67 -19.71 -14.65
CA LYS B 257 -31.10 -19.80 -13.30
C LYS B 257 -31.47 -18.52 -12.54
N PRO B 258 -32.29 -18.66 -11.51
CA PRO B 258 -32.71 -17.48 -10.73
C PRO B 258 -31.53 -16.63 -10.18
N ALA B 259 -31.62 -15.33 -10.40
CA ALA B 259 -30.67 -14.37 -9.87
C ALA B 259 -30.32 -14.61 -8.41
N GLU B 260 -31.32 -14.94 -7.59
CA GLU B 260 -31.09 -15.24 -6.17
C GLU B 260 -30.15 -16.43 -5.96
N ILE B 261 -30.32 -17.46 -6.79
CA ILE B 261 -29.47 -18.63 -6.72
C ILE B 261 -28.00 -18.24 -7.05
N VAL B 262 -27.83 -17.42 -8.09
CA VAL B 262 -26.53 -16.97 -8.53
C VAL B 262 -25.80 -16.25 -7.40
N GLY B 263 -26.49 -15.33 -6.73
CA GLY B 263 -25.85 -14.54 -5.69
C GLY B 263 -25.52 -15.39 -4.49
N LYS B 264 -26.42 -16.30 -4.16
CA LYS B 264 -26.21 -17.20 -3.04
C LYS B 264 -25.07 -18.18 -3.30
N GLU B 265 -24.89 -18.61 -4.55
CA GLU B 265 -23.77 -19.51 -4.86
C GLU B 265 -22.40 -18.82 -4.70
N ALA B 266 -22.32 -17.59 -5.16
CA ALA B 266 -21.10 -16.82 -5.06
C ALA B 266 -20.73 -16.59 -3.61
N ALA B 267 -21.72 -16.16 -2.81
CA ALA B 267 -21.54 -16.02 -1.37
C ALA B 267 -21.11 -17.31 -0.68
N GLN B 268 -21.71 -18.43 -1.07
CA GLN B 268 -21.37 -19.69 -0.42
C GLN B 268 -19.97 -20.15 -0.84
N GLU B 269 -19.57 -19.86 -2.07
CA GLU B 269 -18.22 -20.16 -2.50
C GLU B 269 -17.24 -19.35 -1.65
N LEU B 270 -17.56 -18.08 -1.41
CA LEU B 270 -16.66 -17.25 -0.60
C LEU B 270 -16.57 -17.78 0.83
N LEU B 271 -17.71 -18.14 1.41
CA LEU B 271 -17.72 -18.73 2.77
C LEU B 271 -16.88 -20.00 2.82
N ASP B 272 -16.99 -20.85 1.80
CA ASP B 272 -16.18 -22.07 1.81
C ASP B 272 -14.69 -21.76 1.72
N GLN B 273 -14.33 -20.76 0.93
CA GLN B 273 -12.92 -20.40 0.78
C GLN B 273 -12.37 -19.90 2.11
N LEU B 274 -13.18 -19.16 2.87
CA LEU B 274 -12.77 -18.57 4.16
C LEU B 274 -12.59 -19.58 5.30
N LYS B 275 -13.23 -20.72 5.19
CA LYS B 275 -13.40 -21.62 6.34
C LYS B 275 -12.08 -22.13 6.89
N PRO B 276 -11.13 -22.52 6.04
CA PRO B 276 -9.89 -23.00 6.66
C PRO B 276 -9.02 -21.96 7.39
N GLY B 277 -9.24 -20.68 7.16
CA GLY B 277 -8.44 -19.65 7.82
C GLY B 277 -7.12 -19.35 7.11
N HIS B 278 -6.93 -19.98 5.96
CA HIS B 278 -5.75 -19.72 5.12
C HIS B 278 -5.92 -18.48 4.25
N CYS B 279 -4.82 -17.79 3.96
CA CYS B 279 -4.84 -16.53 3.21
C CYS B 279 -5.25 -16.61 1.75
N VAL B 280 -4.94 -17.72 1.09
CA VAL B 280 -5.07 -17.79 -0.35
C VAL B 280 -6.19 -18.77 -0.73
N ASP B 281 -7.14 -18.30 -1.52
CA ASP B 281 -8.25 -19.15 -1.95
C ASP B 281 -7.77 -20.18 -2.97
N LYS B 282 -8.61 -21.16 -3.26
CA LYS B 282 -8.13 -22.30 -4.02
C LYS B 282 -7.79 -21.92 -5.45
N PHE B 283 -8.45 -20.90 -5.97
CA PHE B 283 -8.17 -20.43 -7.33
C PHE B 283 -6.89 -19.61 -7.45
N LEU B 284 -6.77 -18.60 -6.61
CA LEU B 284 -5.57 -17.75 -6.58
C LEU B 284 -4.32 -18.63 -6.35
N GLY B 285 -4.51 -19.69 -5.57
CA GLY B 285 -3.45 -20.63 -5.29
C GLY B 285 -2.78 -21.18 -6.53
N ASP B 286 -3.55 -21.67 -7.51
CA ASP B 286 -2.91 -22.13 -8.73
C ASP B 286 -2.40 -20.95 -9.56
N GLN B 287 -3.07 -19.81 -9.47
CA GLN B 287 -2.71 -18.67 -10.32
C GLN B 287 -1.39 -18.03 -9.91
N LEU B 288 -1.03 -18.17 -8.64
CA LEU B 288 0.17 -17.53 -8.11
C LEU B 288 1.45 -18.33 -8.42
N ILE B 289 1.29 -19.62 -8.73
CA ILE B 289 2.43 -20.49 -8.88
C ILE B 289 3.54 -19.98 -9.81
N PRO B 290 3.20 -19.57 -11.04
CA PRO B 290 4.30 -19.13 -11.89
C PRO B 290 5.01 -17.86 -11.37
N PHE B 291 4.28 -16.97 -10.71
CA PHE B 291 4.86 -15.75 -10.20
C PHE B 291 5.72 -16.02 -8.97
N LEU B 292 5.27 -16.93 -8.12
CA LEU B 292 6.02 -17.24 -6.90
C LEU B 292 7.44 -17.78 -7.18
N ALA B 293 7.62 -18.46 -8.31
CA ALA B 293 8.96 -18.94 -8.66
C ALA B 293 9.94 -17.79 -8.79
N PHE B 294 9.42 -16.59 -9.07
CA PHE B 294 10.28 -15.44 -9.28
C PHE B 294 10.30 -14.52 -8.06
N SER B 295 9.22 -14.51 -7.30
CA SER B 295 9.12 -13.59 -6.16
C SER B 295 9.65 -14.21 -4.87
N GLY B 296 9.52 -15.52 -4.75
CA GLY B 296 9.74 -16.16 -3.47
C GLY B 296 8.55 -16.00 -2.51
N GLY B 297 8.61 -16.77 -1.43
CA GLY B 297 7.62 -16.67 -0.37
C GLY B 297 7.06 -17.99 0.07
N VAL B 298 5.88 -17.91 0.68
CA VAL B 298 5.18 -19.07 1.17
C VAL B 298 3.70 -18.71 1.20
N ILE B 299 2.85 -19.58 0.69
CA ILE B 299 1.42 -19.35 0.78
C ILE B 299 0.73 -20.57 1.33
N TRP B 300 -0.28 -20.31 2.16
CA TRP B 300 -1.16 -21.33 2.64
C TRP B 300 -2.46 -21.19 1.92
N VAL B 301 -2.91 -22.29 1.31
CA VAL B 301 -4.14 -22.30 0.51
C VAL B 301 -5.31 -23.02 1.19
N SER B 302 -6.52 -22.55 0.88
CA SER B 302 -7.72 -23.14 1.46
C SER B 302 -7.92 -24.57 1.00
N GLU B 303 -7.43 -24.85 -0.21
CA GLU B 303 -7.53 -26.18 -0.77
C GLU B 303 -6.47 -26.36 -1.86
N ILE B 304 -5.70 -27.43 -1.74
CA ILE B 304 -4.79 -27.82 -2.78
C ILE B 304 -5.57 -28.52 -3.88
N THR B 305 -5.37 -28.07 -5.11
CA THR B 305 -6.13 -28.63 -6.24
C THR B 305 -5.17 -29.27 -7.21
N ASN B 306 -5.70 -30.09 -8.10
CA ASN B 306 -4.89 -30.64 -9.17
C ASN B 306 -4.31 -29.57 -10.09
N HIS B 307 -5.03 -28.47 -10.26
CA HIS B 307 -4.51 -27.33 -11.04
C HIS B 307 -3.21 -26.85 -10.43
N LEU B 308 -3.22 -26.68 -9.11
CA LEU B 308 -2.07 -26.09 -8.45
C LEU B 308 -0.87 -27.05 -8.59
N LYS B 309 -1.09 -28.33 -8.35
CA LYS B 309 0.00 -29.31 -8.39
C LYS B 309 0.54 -29.45 -9.80
N THR B 310 -0.36 -29.47 -10.77
CA THR B 310 0.07 -29.52 -12.17
C THR B 310 0.84 -28.24 -12.56
N ASN B 311 0.38 -27.09 -12.08
CA ASN B 311 1.10 -25.86 -12.40
C ASN B 311 2.53 -25.89 -11.84
N ILE B 312 2.67 -26.39 -10.61
CA ILE B 312 3.98 -26.58 -10.00
C ILE B 312 4.89 -27.45 -10.90
N TRP B 313 4.32 -28.56 -11.36
CA TRP B 313 5.05 -29.51 -12.21
C TRP B 313 5.51 -28.88 -13.51
N VAL B 314 4.66 -28.07 -14.13
CA VAL B 314 5.08 -27.40 -15.34
C VAL B 314 6.22 -26.43 -15.02
N VAL B 315 6.04 -25.63 -13.98
CA VAL B 315 7.06 -24.65 -13.64
C VAL B 315 8.39 -25.35 -13.40
N GLU B 316 8.34 -26.45 -12.65
CA GLU B 316 9.56 -27.14 -12.25
C GLU B 316 10.19 -27.88 -13.45
N SER B 317 9.37 -28.22 -14.46
CA SER B 317 9.92 -28.77 -15.71
C SER B 317 10.86 -27.79 -16.40
N PHE B 318 10.62 -26.50 -16.23
CA PHE B 318 11.48 -25.50 -16.82
C PHE B 318 12.63 -25.10 -15.89
N LEU B 319 12.35 -24.98 -14.60
CA LEU B 319 13.28 -24.27 -13.73
C LEU B 319 14.02 -25.18 -12.77
N GLY B 320 13.65 -26.45 -12.73
CA GLY B 320 14.11 -27.35 -11.70
C GLY B 320 13.31 -27.17 -10.42
N ARG B 321 13.85 -27.66 -9.31
CA ARG B 321 13.14 -27.64 -8.03
C ARG B 321 12.91 -26.26 -7.47
N ILE B 322 11.66 -25.92 -7.18
CA ILE B 322 11.29 -24.60 -6.69
C ILE B 322 10.39 -24.65 -5.47
N PHE B 323 9.52 -25.63 -5.43
CA PHE B 323 8.47 -25.71 -4.43
C PHE B 323 8.53 -26.95 -3.53
N ASP B 324 8.04 -26.76 -2.31
CA ASP B 324 7.67 -27.84 -1.39
C ASP B 324 6.19 -27.70 -1.06
N VAL B 325 5.45 -28.78 -1.18
CA VAL B 325 4.03 -28.79 -0.87
C VAL B 325 3.77 -29.67 0.35
N ASP B 326 3.10 -29.12 1.35
CA ASP B 326 2.67 -29.86 2.52
C ASP B 326 1.13 -29.93 2.52
N GLY B 327 0.60 -31.12 2.28
CA GLY B 327 -0.84 -31.31 2.25
C GLY B 327 -1.27 -32.13 1.04
N ASN B 328 -2.45 -32.72 1.09
CA ASN B 328 -2.96 -33.50 -0.02
C ASN B 328 -4.02 -32.76 -0.81
N VAL B 329 -4.16 -33.15 -2.07
CA VAL B 329 -5.18 -32.58 -2.93
C VAL B 329 -6.51 -32.74 -2.23
N GLY B 330 -7.34 -31.70 -2.26
CA GLY B 330 -8.63 -31.73 -1.61
C GLY B 330 -8.61 -31.26 -0.17
N GLU B 331 -7.43 -30.96 0.37
CA GLU B 331 -7.32 -30.45 1.73
C GLU B 331 -6.60 -29.11 1.72
N PRO B 332 -6.72 -28.33 2.81
CA PRO B 332 -5.93 -27.09 2.94
C PRO B 332 -4.46 -27.46 2.98
N GLY B 333 -3.60 -26.55 2.58
CA GLY B 333 -2.19 -26.89 2.51
C GLY B 333 -1.26 -25.70 2.49
N LYS B 334 0.02 -25.98 2.35
CA LYS B 334 1.05 -24.99 2.50
C LYS B 334 2.03 -25.22 1.36
N ILE B 335 2.35 -24.13 0.66
CA ILE B 335 3.26 -24.16 -0.47
C ILE B 335 4.44 -23.22 -0.19
N ARG B 336 5.62 -23.80 -0.01
CA ARG B 336 6.84 -23.05 0.23
C ARG B 336 7.65 -22.91 -1.05
N VAL B 337 8.15 -21.71 -1.31
CA VAL B 337 9.13 -21.54 -2.36
C VAL B 337 10.48 -21.71 -1.69
N ILE B 338 11.20 -22.73 -2.07
CA ILE B 338 12.50 -22.98 -1.44
C ILE B 338 13.61 -22.16 -2.03
N ARG B 339 13.44 -21.72 -3.28
CA ARG B 339 14.40 -20.83 -3.95
C ARG B 339 13.68 -20.15 -5.11
N ARG B 340 14.02 -18.88 -5.36
CA ARG B 340 13.49 -18.16 -6.49
C ARG B 340 14.55 -18.02 -7.57
N VAL B 341 14.09 -17.83 -8.77
CA VAL B 341 14.96 -17.68 -9.92
C VAL B 341 14.95 -16.23 -10.36
O5' ADN E . 6.97 16.76 5.93
C5' ADN E . 6.07 17.55 6.69
C4' ADN E . 5.92 17.00 8.09
O4' ADN E . 5.83 18.11 9.00
C3' ADN E . 4.66 16.17 8.33
O3' ADN E . 4.88 15.25 9.40
C2' ADN E . 3.66 17.24 8.76
O2' ADN E . 2.58 16.75 9.53
C1' ADN E . 4.54 18.16 9.59
N9 ADN E . 4.11 19.55 9.58
C8 ADN E . 4.25 20.41 8.52
N7 ADN E . 3.79 21.58 8.88
C5 ADN E . 3.34 21.51 10.16
C6 ADN E . 2.74 22.44 11.02
N6 ADN E . 2.55 23.76 10.53
N1 ADN E . 2.41 22.03 12.27
C2 ADN E . 2.63 20.78 12.69
N3 ADN E . 3.19 19.83 11.90
C4 ADN E . 3.54 20.19 10.64
HO5' ADN E . 6.64 15.94 5.83
H5'1 ADN E . 6.40 18.45 6.74
H5'2 ADN E . 5.20 17.55 6.26
H4' ADN E . 6.69 16.46 8.28
H3' ADN E . 4.40 15.71 7.51
HO3' ADN E . 4.62 14.43 9.15
H2' ADN E . 3.32 17.70 7.97
HO2' ADN E . 2.20 17.45 9.96
H1' ADN E . 4.56 17.82 10.49
H8 ADN E . 4.63 20.18 7.64
HN61 ADN E . 2.11 24.36 11.03
HN62 ADN E . 2.87 23.99 9.72
H2 ADN E . 2.37 20.53 13.61
O5' ADN F . -9.36 -23.46 -14.31
C5' ADN F . -8.42 -22.79 -15.14
C4' ADN F . -7.95 -21.50 -14.51
O4' ADN F . -9.08 -20.63 -14.27
C3' ADN F . -7.24 -21.63 -13.16
O3' ADN F . -6.29 -20.58 -13.05
C2' ADN F . -8.38 -21.42 -12.17
O2' ADN F . -7.98 -20.95 -10.89
C1' ADN F . -9.21 -20.37 -12.89
N9 ADN F . -10.62 -20.40 -12.57
C8 ADN F . -11.53 -21.29 -13.03
N7 ADN F . -12.71 -21.01 -12.51
C5 ADN F . -12.61 -19.91 -11.70
C6 ADN F . -13.51 -19.15 -10.92
N6 ADN F . -14.88 -19.49 -10.87
N1 ADN F . -13.02 -18.09 -10.24
C2 ADN F . -11.74 -17.77 -10.28
N3 ADN F . -10.86 -18.45 -11.03
C4 ADN F . -11.25 -19.51 -11.73
HO5' ADN F . -9.54 -24.27 -14.64
H5'1 ADN F . -7.67 -23.36 -15.29
H5'2 ADN F . -8.84 -22.59 -16.00
H4' ADN F . -7.35 -21.08 -15.12
H3' ADN F . -6.82 -22.51 -13.09
H2' ADN F . -8.88 -22.25 -12.07
HO2' ADN F . -7.84 -21.66 -10.35
H1' ADN F . -8.83 -19.50 -12.69
H8 ADN F . -11.34 -22.05 -13.64
HN61 ADN F . -15.38 -19.22 -10.18
HN62 ADN F . -15.26 -19.98 -11.53
H2 ADN F . -11.43 -16.98 -9.77
N1 EPE G . 4.25 -24.41 -40.37
C2 EPE G . 4.43 -25.78 -39.88
C3 EPE G . 4.95 -26.58 -41.09
N4 EPE G . 6.01 -25.81 -41.74
C5 EPE G . 6.59 -24.65 -41.06
C6 EPE G . 5.55 -23.72 -40.40
C7 EPE G . 5.90 -25.71 -43.20
C8 EPE G . 5.23 -26.90 -43.92
O8 EPE G . 5.21 -28.11 -43.17
C9 EPE G . 3.17 -23.81 -39.60
C10 EPE G . 3.51 -22.66 -38.69
S EPE G . 2.00 -22.35 -37.79
O1S EPE G . 0.86 -22.61 -38.67
O2S EPE G . 1.86 -23.25 -36.67
O3S EPE G . 1.97 -20.98 -37.23
H21 EPE G . 3.47 -26.19 -39.55
H22 EPE G . 5.14 -25.82 -39.06
H31 EPE G . 4.14 -26.76 -41.79
H32 EPE G . 5.34 -27.53 -40.75
H51 EPE G . 7.18 -24.09 -41.78
H52 EPE G . 7.28 -25.02 -40.30
H61 EPE G . 5.88 -23.47 -39.39
H62 EPE G . 5.46 -22.79 -40.97
H71 EPE G . 6.91 -25.58 -43.61
H72 EPE G . 5.35 -24.80 -43.44
H81 EPE G . 5.75 -27.08 -44.86
H82 EPE G . 4.20 -26.62 -44.16
HO8 EPE G . 5.64 -27.97 -42.30
H91 EPE G . 2.41 -23.46 -40.30
H92 EPE G . 2.71 -24.59 -38.99
H101 EPE G . 4.32 -22.93 -38.01
H102 EPE G . 3.80 -21.78 -39.26
#